data_3H7F
#
_entry.id   3H7F
#
_cell.length_a   60.730
_cell.length_b   102.010
_cell.length_c   132.120
_cell.angle_alpha   90.00
_cell.angle_beta   90.00
_cell.angle_gamma   90.00
#
_symmetry.space_group_name_H-M   'P 21 21 21'
#
loop_
_entity.id
_entity.type
_entity.pdbx_description
1 polymer 'Serine hydroxymethyltransferase 1'
2 non-polymer 'MAGNESIUM ION'
3 water water
#
_entity_poly.entity_id   1
_entity_poly.type   'polypeptide(L)'
_entity_poly.pdbx_seq_one_letter_code
;MAHHHHHHMGTLEAQTQGPGSMSAPLAEVDPDIAELLAKELGRQRDTLEMIASENFVPRAVLQAQGSVLTNKYAEGLPGR
RYYGGCEHVDVVENLARDRAKALFGAEFANVQPHSGAQANAAVLHALMSPGERLLGLDLANGGHLTHGMRLNFSGKLYEN
GFYGVDPATHLIDMDAVRATALEFRPKVIIAGWSAYPRVLDFAAFRSIADEVGAKLLVDMAHFAGLVAAGLHPSPVPHAD
VVSTTVH(LLP)TLGGGRSGLIVGKQQYAKAINSAVFPGQQGGPLMHVIAGKAVALKIAATPEFADRQRRTLSGARIIAD
RLMAPDVAKAGVSVVSGGTDVHLVLVDLRDSPLDGQAAEDLLHEVGITVNRNAVPNDPRPPMVTSGLRIGTPALATRGFG
DTEFTEVADIIATALATGSSVDVSALKDRATRLARAFPLYDGLEEWSLVGR
;
_entity_poly.pdbx_strand_id   A,B
#
loop_
_chem_comp.id
_chem_comp.type
_chem_comp.name
_chem_comp.formula
MG non-polymer 'MAGNESIUM ION' 'Mg 2'
#
# COMPACT_ATOMS: atom_id res chain seq x y z
N GLY A 20 2.54 -24.67 17.35
CA GLY A 20 2.29 -24.31 15.91
C GLY A 20 2.91 -23.01 15.47
N SER A 21 2.83 -22.75 14.17
CA SER A 21 3.64 -21.72 13.56
C SER A 21 3.22 -20.27 13.87
N MET A 22 2.00 -20.05 14.39
CA MET A 22 1.57 -18.68 14.73
C MET A 22 2.48 -17.89 15.70
N SER A 23 3.12 -18.59 16.65
CA SER A 23 4.06 -17.98 17.61
C SER A 23 5.55 -18.33 17.38
N ALA A 24 5.88 -18.92 16.24
CA ALA A 24 7.28 -19.30 15.90
C ALA A 24 8.06 -18.09 15.31
N PRO A 25 9.33 -17.90 15.71
CA PRO A 25 10.14 -16.83 15.14
C PRO A 25 10.47 -17.02 13.65
N LEU A 26 10.65 -15.92 12.92
CA LEU A 26 11.05 -15.94 11.51
C LEU A 26 12.23 -16.89 11.22
N ALA A 27 13.21 -16.90 12.13
CA ALA A 27 14.37 -17.82 12.01
C ALA A 27 13.99 -19.32 11.89
N GLU A 28 12.92 -19.72 12.56
CA GLU A 28 12.37 -21.09 12.47
CA GLU A 28 12.37 -21.08 12.46
C GLU A 28 11.51 -21.28 11.22
N VAL A 29 10.57 -20.34 10.98
CA VAL A 29 9.58 -20.49 9.89
C VAL A 29 10.15 -20.39 8.47
N ASP A 30 11.08 -19.46 8.24
CA ASP A 30 11.62 -19.16 6.90
C ASP A 30 13.10 -18.73 6.97
N PRO A 31 14.00 -19.73 7.12
CA PRO A 31 15.40 -19.41 7.29
C PRO A 31 16.06 -18.55 6.16
N ASP A 32 15.63 -18.75 4.92
CA ASP A 32 16.16 -17.99 3.77
C ASP A 32 15.76 -16.49 3.85
N ILE A 33 14.52 -16.20 4.21
CA ILE A 33 14.13 -14.78 4.40
C ILE A 33 14.81 -14.13 5.61
N ALA A 34 14.93 -14.85 6.73
CA ALA A 34 15.68 -14.34 7.89
C ALA A 34 17.13 -13.94 7.54
N GLU A 35 17.81 -14.79 6.75
CA GLU A 35 19.20 -14.49 6.34
C GLU A 35 19.33 -13.29 5.43
N LEU A 36 18.34 -13.14 4.55
CA LEU A 36 18.27 -12.00 3.63
C LEU A 36 18.02 -10.64 4.34
N LEU A 37 17.17 -10.63 5.38
CA LEU A 37 17.01 -9.44 6.23
C LEU A 37 18.37 -9.03 6.88
N ALA A 38 19.15 -10.01 7.34
CA ALA A 38 20.46 -9.78 7.94
C ALA A 38 21.47 -9.24 6.91
N LYS A 39 21.49 -9.82 5.71
CA LYS A 39 22.36 -9.32 4.64
C LYS A 39 22.02 -7.87 4.23
N GLU A 40 20.73 -7.52 4.13
CA GLU A 40 20.36 -6.14 3.77
C GLU A 40 20.72 -5.08 4.84
N LEU A 41 20.52 -5.45 6.11
CA LEU A 41 20.99 -4.63 7.24
C LEU A 41 22.52 -4.39 7.17
N GLY A 42 23.29 -5.44 6.86
CA GLY A 42 24.77 -5.31 6.68
C GLY A 42 25.16 -4.35 5.56
N ARG A 43 24.44 -4.43 4.42
CA ARG A 43 24.68 -3.61 3.26
C ARG A 43 24.40 -2.12 3.55
N GLN A 44 23.27 -1.85 4.24
CA GLN A 44 22.96 -0.52 4.71
C GLN A 44 24.07 0.07 5.65
N ARG A 45 24.58 -0.77 6.56
CA ARG A 45 25.67 -0.38 7.47
C ARG A 45 27.03 -0.15 6.74
N ASP A 46 27.37 -0.98 5.77
CA ASP A 46 28.74 -0.96 5.20
C ASP A 46 28.95 0.06 4.09
N THR A 47 27.90 0.49 3.39
CA THR A 47 28.04 1.37 2.23
C THR A 47 27.71 2.83 2.58
N LEU A 48 28.09 3.77 1.71
CA LEU A 48 27.67 5.20 1.83
C LEU A 48 26.50 5.46 0.84
N GLU A 49 25.27 5.56 1.39
CA GLU A 49 24.08 5.70 0.53
CA GLU A 49 24.03 5.74 0.59
C GLU A 49 23.82 7.18 0.17
N MET A 50 23.94 7.48 -1.14
CA MET A 50 23.77 8.84 -1.67
C MET A 50 22.70 8.98 -2.79
N ILE A 51 21.69 8.11 -2.75
CA ILE A 51 20.51 8.26 -3.62
C ILE A 51 19.62 9.31 -2.96
N ALA A 52 19.32 10.40 -3.70
CA ALA A 52 18.61 11.57 -3.16
C ALA A 52 17.18 11.29 -2.60
N SER A 53 16.52 10.23 -3.12
CA SER A 53 15.18 9.77 -2.73
CA SER A 53 15.18 9.86 -2.66
C SER A 53 15.13 8.86 -1.49
N GLU A 54 16.29 8.47 -0.96
CA GLU A 54 16.40 7.52 0.16
C GLU A 54 16.73 8.18 1.52
N ASN A 55 16.41 7.45 2.58
CA ASN A 55 16.64 7.84 4.01
C ASN A 55 16.67 6.60 4.92
N PHE A 56 16.76 6.82 6.25
CA PHE A 56 16.71 5.74 7.29
C PHE A 56 15.60 6.04 8.33
N VAL A 57 14.58 5.16 8.46
CA VAL A 57 13.50 5.37 9.44
C VAL A 57 14.01 5.19 10.91
N PRO A 58 13.40 5.91 11.91
CA PRO A 58 13.73 5.67 13.34
C PRO A 58 13.17 4.37 13.89
N ARG A 59 13.75 3.84 14.99
CA ARG A 59 13.25 2.64 15.73
C ARG A 59 11.72 2.63 15.94
N ALA A 60 11.15 3.77 16.36
CA ALA A 60 9.71 3.85 16.68
C ALA A 60 8.80 3.61 15.42
N VAL A 61 9.30 3.97 14.23
CA VAL A 61 8.54 3.68 12.97
C VAL A 61 8.60 2.19 12.58
N LEU A 62 9.76 1.54 12.76
CA LEU A 62 9.86 0.08 12.60
C LEU A 62 8.81 -0.62 13.50
N GLN A 63 8.72 -0.22 14.77
CA GLN A 63 7.78 -0.83 15.72
C GLN A 63 6.31 -0.67 15.27
N ALA A 64 5.93 0.54 14.83
CA ALA A 64 4.55 0.75 14.34
C ALA A 64 4.24 -0.10 13.10
N GLN A 65 5.17 -0.14 12.16
CA GLN A 65 5.01 -0.95 10.91
C GLN A 65 4.91 -2.47 11.17
N GLY A 66 5.54 -2.92 12.27
CA GLY A 66 5.46 -4.33 12.69
C GLY A 66 4.35 -4.67 13.69
N SER A 67 3.33 -3.79 13.81
CA SER A 67 2.23 -3.95 14.79
C SER A 67 1.02 -4.74 14.28
N VAL A 68 0.18 -5.19 15.22
CA VAL A 68 -1.06 -5.99 14.93
C VAL A 68 -2.18 -5.11 14.27
N LEU A 69 -1.97 -3.79 14.12
CA LEU A 69 -2.93 -2.95 13.36
C LEU A 69 -3.10 -3.40 11.90
N THR A 70 -2.13 -4.14 11.35
CA THR A 70 -2.29 -4.80 10.03
C THR A 70 -3.56 -5.67 9.95
N ASN A 71 -4.05 -6.18 11.11
CA ASN A 71 -5.22 -7.09 11.12
C ASN A 71 -6.59 -6.37 10.95
N LYS A 72 -6.64 -5.07 11.10
CA LYS A 72 -7.96 -4.34 11.13
C LYS A 72 -8.38 -3.79 9.74
N TYR A 73 -9.59 -4.17 9.30
CA TYR A 73 -10.25 -3.58 8.10
C TYR A 73 -11.01 -2.31 8.51
N ALA A 74 -10.62 -1.17 7.94
CA ALA A 74 -11.16 0.13 8.34
C ALA A 74 -11.60 0.97 7.12
N GLU A 75 -12.33 0.38 6.17
CA GLU A 75 -12.86 1.15 5.01
C GLU A 75 -13.78 2.29 5.49
N GLY A 76 -13.61 3.45 4.89
CA GLY A 76 -14.39 4.69 5.19
C GLY A 76 -13.48 5.74 5.81
N LEU A 77 -14.05 6.57 6.72
CA LEU A 77 -13.35 7.63 7.49
C LEU A 77 -13.61 7.49 9.00
N PRO A 78 -12.76 8.12 9.87
CA PRO A 78 -13.03 8.08 11.33
C PRO A 78 -14.47 8.49 11.66
N GLY A 79 -15.15 7.65 12.44
CA GLY A 79 -16.54 7.93 12.80
C GLY A 79 -17.61 7.55 11.78
N ARG A 80 -17.20 7.16 10.57
CA ARG A 80 -18.10 6.79 9.46
C ARG A 80 -17.43 5.65 8.64
N ARG A 81 -17.27 4.50 9.32
CA ARG A 81 -16.67 3.26 8.77
C ARG A 81 -17.72 2.23 8.32
N TYR A 82 -17.33 1.31 7.42
CA TYR A 82 -18.22 0.20 7.03
C TYR A 82 -18.53 -0.74 8.20
N TYR A 83 -17.53 -1.05 9.03
CA TYR A 83 -17.62 -2.10 10.07
C TYR A 83 -17.46 -1.55 11.50
N GLY A 84 -17.93 -2.31 12.50
CA GLY A 84 -17.68 -1.94 13.90
C GLY A 84 -16.26 -2.24 14.40
N GLY A 85 -16.01 -1.94 15.67
CA GLY A 85 -14.73 -2.21 16.32
C GLY A 85 -13.58 -1.28 15.99
N CYS A 86 -13.84 -0.12 15.35
CA CYS A 86 -12.78 0.81 14.92
C CYS A 86 -12.45 1.93 15.94
N GLU A 87 -12.95 1.82 17.17
CA GLU A 87 -12.72 2.89 18.17
C GLU A 87 -11.27 3.32 18.39
N HIS A 88 -10.34 2.38 18.47
CA HIS A 88 -8.92 2.71 18.72
C HIS A 88 -8.20 3.20 17.43
N VAL A 89 -8.45 2.52 16.30
CA VAL A 89 -7.80 2.94 15.03
C VAL A 89 -8.31 4.33 14.57
N ASP A 90 -9.54 4.69 14.93
CA ASP A 90 -10.10 6.05 14.62
C ASP A 90 -9.31 7.15 15.37
N VAL A 91 -8.98 6.91 16.64
CA VAL A 91 -8.12 7.90 17.39
C VAL A 91 -6.71 8.03 16.74
N VAL A 92 -6.13 6.89 16.33
CA VAL A 92 -4.84 6.86 15.58
C VAL A 92 -4.88 7.74 14.27
N GLU A 93 -5.89 7.52 13.43
CA GLU A 93 -6.04 8.26 12.17
C GLU A 93 -6.26 9.78 12.44
N ASN A 94 -7.06 10.12 13.47
CA ASN A 94 -7.25 11.53 13.85
C ASN A 94 -5.97 12.22 14.38
N LEU A 95 -5.12 11.49 15.13
CA LEU A 95 -3.79 12.04 15.54
C LEU A 95 -2.92 12.35 14.28
N ALA A 96 -2.89 11.43 13.31
CA ALA A 96 -2.14 11.69 12.08
C ALA A 96 -2.69 12.91 11.27
N ARG A 97 -4.03 12.98 11.09
CA ARG A 97 -4.67 14.11 10.37
C ARG A 97 -4.36 15.46 11.05
N ASP A 98 -4.63 15.47 12.36
CA ASP A 98 -4.52 16.73 13.14
C ASP A 98 -3.05 17.20 13.24
N ARG A 99 -2.09 16.27 13.38
CA ARG A 99 -0.63 16.63 13.38
C ARG A 99 -0.15 17.17 12.02
N ALA A 100 -0.65 16.56 10.93
CA ALA A 100 -0.33 17.04 9.58
C ALA A 100 -0.84 18.49 9.33
N LYS A 101 -2.10 18.75 9.70
CA LYS A 101 -2.68 20.12 9.57
C LYS A 101 -1.82 21.15 10.36
N ALA A 102 -1.51 20.82 11.61
CA ALA A 102 -0.71 21.75 12.46
C ALA A 102 0.73 21.96 11.99
N LEU A 103 1.44 20.89 11.65
CA LEU A 103 2.82 20.99 11.16
C LEU A 103 2.96 21.85 9.89
N PHE A 104 2.03 21.69 8.93
CA PHE A 104 2.13 22.33 7.63
C PHE A 104 1.23 23.58 7.49
N GLY A 105 0.41 23.83 8.50
CA GLY A 105 -0.55 24.97 8.47
C GLY A 105 -1.68 24.89 7.44
N ALA A 106 -2.16 23.66 7.21
CA ALA A 106 -3.21 23.38 6.21
C ALA A 106 -4.62 23.27 6.81
N GLU A 107 -5.64 23.55 5.97
CA GLU A 107 -7.06 23.49 6.39
C GLU A 107 -7.63 22.06 6.55
N PHE A 108 -7.14 21.13 5.73
CA PHE A 108 -7.67 19.79 5.63
CA PHE A 108 -7.64 19.73 5.76
C PHE A 108 -6.51 18.75 5.38
N ALA A 109 -6.67 17.49 5.83
CA ALA A 109 -5.71 16.37 5.48
C ALA A 109 -6.44 15.03 5.27
N ASN A 110 -5.88 14.24 4.32
CA ASN A 110 -6.23 12.79 4.19
C ASN A 110 -4.90 11.99 4.28
N VAL A 111 -4.85 11.03 5.22
CA VAL A 111 -3.64 10.28 5.55
C VAL A 111 -3.68 8.80 5.05
N GLN A 112 -4.68 8.45 4.22
CA GLN A 112 -4.80 7.08 3.65
C GLN A 112 -3.98 6.70 2.37
N PRO A 113 -3.47 7.63 1.55
CA PRO A 113 -2.78 7.13 0.32
C PRO A 113 -1.63 6.09 0.56
N HIS A 114 -1.64 5.01 -0.25
CA HIS A 114 -0.63 3.91 -0.08
C HIS A 114 0.82 4.32 -0.48
N SER A 115 0.99 5.40 -1.26
CA SER A 115 2.29 5.78 -1.87
C SER A 115 2.20 7.23 -2.43
N GLY A 116 3.33 7.81 -2.87
CA GLY A 116 3.28 9.08 -3.61
C GLY A 116 2.49 9.03 -4.93
N ALA A 117 2.69 7.95 -5.69
CA ALA A 117 1.91 7.75 -6.95
C ALA A 117 0.39 7.64 -6.73
N GLN A 118 -0.03 6.91 -5.69
CA GLN A 118 -1.45 6.75 -5.33
C GLN A 118 -2.07 8.10 -4.81
N ALA A 119 -1.26 8.90 -4.11
CA ALA A 119 -1.72 10.25 -3.72
C ALA A 119 -2.03 11.10 -4.98
N ASN A 120 -1.10 11.12 -5.95
CA ASN A 120 -1.32 11.87 -7.22
C ASN A 120 -2.52 11.30 -8.07
N ALA A 121 -2.70 9.98 -8.17
CA ALA A 121 -3.86 9.41 -8.90
C ALA A 121 -5.18 9.90 -8.29
N ALA A 122 -5.25 9.96 -6.96
CA ALA A 122 -6.45 10.45 -6.25
C ALA A 122 -6.67 11.98 -6.49
N VAL A 123 -5.62 12.80 -6.41
CA VAL A 123 -5.79 14.25 -6.67
C VAL A 123 -6.36 14.51 -8.10
N LEU A 124 -5.83 13.82 -9.11
CA LEU A 124 -6.29 14.04 -10.52
C LEU A 124 -7.73 13.51 -10.71
N HIS A 125 -8.07 12.37 -10.09
CA HIS A 125 -9.48 11.85 -10.02
C HIS A 125 -10.45 12.91 -9.43
N ALA A 126 -10.04 13.59 -8.36
CA ALA A 126 -10.87 14.61 -7.66
C ALA A 126 -11.03 15.91 -8.48
N LEU A 127 -9.98 16.34 -9.18
CA LEU A 127 -9.97 17.72 -9.81
C LEU A 127 -10.27 17.76 -11.31
N MET A 128 -10.23 16.61 -12.02
CA MET A 128 -10.43 16.58 -13.49
C MET A 128 -11.06 15.27 -13.98
N SER A 129 -11.46 15.26 -15.26
CA SER A 129 -12.07 14.10 -15.94
C SER A 129 -11.21 13.64 -17.11
N PRO A 130 -11.30 12.34 -17.50
CA PRO A 130 -10.54 11.90 -18.68
C PRO A 130 -10.80 12.76 -19.94
N GLY A 131 -9.72 13.05 -20.65
CA GLY A 131 -9.75 13.93 -21.85
C GLY A 131 -9.44 15.40 -21.60
N GLU A 132 -9.52 15.84 -20.34
CA GLU A 132 -9.16 17.25 -19.99
C GLU A 132 -7.63 17.48 -19.97
N ARG A 133 -7.22 18.77 -19.97
CA ARG A 133 -5.81 19.15 -20.18
CA ARG A 133 -5.81 19.16 -20.19
C ARG A 133 -5.00 19.30 -18.87
N LEU A 134 -3.82 18.69 -18.84
CA LEU A 134 -2.90 18.68 -17.68
C LEU A 134 -1.56 19.29 -18.13
N LEU A 135 -1.04 20.27 -17.36
CA LEU A 135 0.26 20.93 -17.60
C LEU A 135 1.27 20.64 -16.47
N GLY A 136 2.44 20.10 -16.83
CA GLY A 136 3.48 19.76 -15.87
C GLY A 136 4.90 19.90 -16.39
N LEU A 137 5.89 19.74 -15.50
CA LEU A 137 7.32 19.71 -15.86
C LEU A 137 7.68 18.40 -16.60
N ASP A 138 8.26 18.62 -17.77
CA ASP A 138 8.87 17.64 -18.64
C ASP A 138 9.84 16.64 -17.95
N LEU A 139 9.73 15.34 -18.26
CA LEU A 139 10.66 14.30 -17.74
C LEU A 139 12.15 14.58 -18.02
N ALA A 140 12.44 15.04 -19.24
CA ALA A 140 13.81 15.37 -19.68
C ALA A 140 14.39 16.54 -18.89
N ASN A 141 13.51 17.36 -18.34
CA ASN A 141 13.86 18.56 -17.57
CA ASN A 141 13.94 18.53 -17.55
C ASN A 141 13.69 18.43 -16.03
N GLY A 142 13.43 17.22 -15.52
CA GLY A 142 13.34 17.02 -14.05
C GLY A 142 11.99 16.67 -13.41
N GLY A 143 10.95 16.48 -14.23
CA GLY A 143 9.61 16.06 -13.73
C GLY A 143 9.55 14.57 -13.34
N HIS A 144 8.46 14.18 -12.68
CA HIS A 144 8.20 12.77 -12.31
C HIS A 144 7.32 12.12 -13.38
N LEU A 145 7.38 10.77 -13.46
CA LEU A 145 6.51 10.01 -14.38
C LEU A 145 4.99 10.23 -14.15
N THR A 146 4.55 10.60 -12.93
CA THR A 146 3.16 10.89 -12.61
C THR A 146 2.68 12.30 -13.00
N HIS A 147 3.56 13.07 -13.67
CA HIS A 147 3.22 14.41 -14.16
C HIS A 147 2.95 14.45 -15.68
N GLY A 148 2.75 13.29 -16.31
CA GLY A 148 2.34 13.20 -17.73
C GLY A 148 2.95 12.12 -18.64
N MET A 149 3.78 11.19 -18.11
CA MET A 149 4.49 10.18 -18.99
C MET A 149 3.45 9.25 -19.69
N ARG A 150 3.69 8.96 -20.98
CA ARG A 150 2.72 8.32 -21.88
C ARG A 150 2.16 6.96 -21.42
N LEU A 151 2.96 6.17 -20.72
CA LEU A 151 2.51 4.82 -20.24
C LEU A 151 1.88 4.83 -18.83
N ASN A 152 2.11 5.91 -18.05
CA ASN A 152 1.48 6.09 -16.72
C ASN A 152 0.04 6.59 -16.84
N PHE A 153 -0.80 6.38 -15.79
CA PHE A 153 -2.16 6.92 -15.76
C PHE A 153 -2.25 8.42 -16.18
N SER A 154 -1.25 9.21 -15.77
CA SER A 154 -1.25 10.66 -16.06
C SER A 154 -1.19 11.00 -17.55
N GLY A 155 -0.57 10.12 -18.34
CA GLY A 155 -0.49 10.24 -19.80
C GLY A 155 -1.61 9.50 -20.54
N LYS A 156 -2.02 8.35 -20.00
CA LYS A 156 -3.08 7.56 -20.64
C LYS A 156 -4.45 8.22 -20.59
N LEU A 157 -4.80 8.87 -19.46
CA LEU A 157 -6.17 9.39 -19.25
C LEU A 157 -6.41 10.84 -19.73
N TYR A 158 -5.32 11.63 -19.77
CA TYR A 158 -5.44 13.11 -19.92
C TYR A 158 -4.67 13.63 -21.16
N GLU A 159 -5.02 14.85 -21.64
CA GLU A 159 -4.30 15.46 -22.77
C GLU A 159 -3.18 16.33 -22.19
N ASN A 160 -1.95 16.00 -22.52
CA ASN A 160 -0.77 16.52 -21.83
C ASN A 160 -0.12 17.69 -22.57
N GLY A 161 0.26 18.70 -21.79
CA GLY A 161 1.23 19.74 -22.18
C GLY A 161 2.33 19.87 -21.15
N PHE A 162 3.47 20.40 -21.58
CA PHE A 162 4.66 20.52 -20.73
C PHE A 162 5.36 21.88 -20.78
N TYR A 163 5.95 22.27 -19.63
CA TYR A 163 6.98 23.35 -19.55
C TYR A 163 8.35 22.73 -19.20
N GLY A 164 9.40 23.54 -19.33
CA GLY A 164 10.77 23.08 -19.13
C GLY A 164 11.60 24.13 -18.40
N VAL A 165 12.92 24.00 -18.48
CA VAL A 165 13.84 25.00 -17.89
C VAL A 165 14.50 25.82 -19.02
N ASP A 166 14.92 27.05 -18.69
CA ASP A 166 15.64 27.93 -19.64
C ASP A 166 16.98 27.24 -19.99
N PRO A 167 17.27 27.05 -21.29
CA PRO A 167 18.54 26.34 -21.65
C PRO A 167 19.86 27.00 -21.20
N ALA A 168 19.86 28.32 -20.95
CA ALA A 168 21.06 29.05 -20.53
C ALA A 168 21.29 29.05 -19.00
N THR A 169 20.23 29.28 -18.23
CA THR A 169 20.33 29.40 -16.77
C THR A 169 20.07 28.06 -16.05
N HIS A 170 19.36 27.16 -16.73
CA HIS A 170 18.85 25.90 -16.16
C HIS A 170 17.82 26.07 -15.01
N LEU A 171 17.21 27.27 -14.93
CA LEU A 171 16.13 27.61 -13.98
C LEU A 171 14.79 27.65 -14.70
N ILE A 172 13.69 27.36 -13.97
CA ILE A 172 12.35 27.52 -14.55
C ILE A 172 12.06 29.01 -14.74
N ASP A 173 11.70 29.42 -15.96
CA ASP A 173 11.44 30.84 -16.31
C ASP A 173 9.93 31.05 -16.27
N MET A 174 9.46 31.76 -15.24
CA MET A 174 8.03 31.92 -15.04
C MET A 174 7.32 32.77 -16.09
N ASP A 175 8.04 33.64 -16.81
CA ASP A 175 7.41 34.30 -17.97
C ASP A 175 7.07 33.31 -19.11
N ALA A 176 7.96 32.33 -19.31
CA ALA A 176 7.76 31.24 -20.29
C ALA A 176 6.61 30.30 -19.88
N VAL A 177 6.54 29.91 -18.59
CA VAL A 177 5.41 29.11 -18.09
C VAL A 177 4.05 29.84 -18.29
N ARG A 178 4.04 31.14 -18.02
CA ARG A 178 2.86 31.99 -18.21
C ARG A 178 2.36 31.98 -19.68
N ALA A 179 3.28 32.17 -20.63
CA ALA A 179 2.89 32.21 -22.05
C ALA A 179 2.33 30.86 -22.54
N THR A 180 2.91 29.77 -22.07
CA THR A 180 2.42 28.41 -22.38
C THR A 180 1.03 28.14 -21.79
N ALA A 181 0.80 28.51 -20.52
CA ALA A 181 -0.53 28.37 -19.93
C ALA A 181 -1.62 29.16 -20.64
N LEU A 182 -1.33 30.40 -21.06
CA LEU A 182 -2.31 31.21 -21.83
C LEU A 182 -2.66 30.60 -23.22
N GLU A 183 -1.70 29.92 -23.84
CA GLU A 183 -1.89 29.21 -25.12
C GLU A 183 -2.70 27.88 -24.96
N PHE A 184 -2.27 27.05 -24.00
CA PHE A 184 -2.76 25.65 -23.79
C PHE A 184 -4.07 25.55 -22.97
N ARG A 185 -4.28 26.48 -22.03
CA ARG A 185 -5.49 26.57 -21.21
C ARG A 185 -5.77 25.26 -20.41
N PRO A 186 -4.83 24.90 -19.52
CA PRO A 186 -4.99 23.65 -18.76
C PRO A 186 -6.10 23.70 -17.69
N LYS A 187 -6.68 22.54 -17.35
CA LYS A 187 -7.58 22.43 -16.21
C LYS A 187 -6.84 22.32 -14.84
N VAL A 188 -5.68 21.67 -14.85
CA VAL A 188 -4.81 21.50 -13.65
C VAL A 188 -3.35 21.80 -14.06
N ILE A 189 -2.64 22.63 -13.27
CA ILE A 189 -1.19 22.87 -13.38
C ILE A 189 -0.47 22.17 -12.19
N ILE A 190 0.55 21.35 -12.46
CA ILE A 190 1.42 20.79 -11.42
C ILE A 190 2.75 21.55 -11.30
N ALA A 191 3.09 22.01 -10.07
CA ALA A 191 4.43 22.48 -9.67
C ALA A 191 5.09 21.43 -8.76
N GLY A 192 6.33 21.04 -9.05
CA GLY A 192 7.00 19.95 -8.35
C GLY A 192 7.96 19.22 -9.29
N TRP A 193 8.81 18.37 -8.71
CA TRP A 193 9.99 17.80 -9.39
C TRP A 193 10.60 16.57 -8.69
N SER A 194 11.34 15.77 -9.48
CA SER A 194 12.18 14.70 -8.91
CA SER A 194 12.19 14.69 -8.94
C SER A 194 13.68 15.06 -8.99
N ALA A 195 14.04 15.94 -9.92
CA ALA A 195 15.45 16.37 -10.06
C ALA A 195 15.58 17.86 -10.53
N TYR A 196 15.58 18.78 -9.58
CA TYR A 196 15.73 20.25 -9.83
C TYR A 196 16.52 20.82 -8.62
N PRO A 197 17.54 21.70 -8.83
CA PRO A 197 18.46 22.09 -7.75
C PRO A 197 18.16 23.43 -7.01
N ARG A 198 17.04 24.06 -7.31
CA ARG A 198 16.70 25.38 -6.76
C ARG A 198 15.23 25.48 -6.22
N VAL A 199 14.83 26.66 -5.71
CA VAL A 199 13.55 26.91 -5.03
C VAL A 199 12.46 27.42 -6.01
N LEU A 200 11.34 26.70 -6.11
CA LEU A 200 10.17 27.14 -6.92
C LEU A 200 9.48 28.41 -6.36
N ASP A 201 8.92 29.23 -7.26
CA ASP A 201 8.15 30.46 -6.90
C ASP A 201 6.64 30.16 -6.85
N PHE A 202 6.16 29.76 -5.68
CA PHE A 202 4.76 29.32 -5.56
C PHE A 202 3.74 30.45 -5.77
N ALA A 203 4.09 31.69 -5.35
CA ALA A 203 3.19 32.82 -5.60
C ALA A 203 2.98 33.13 -7.08
N ALA A 204 4.04 33.02 -7.89
CA ALA A 204 3.91 33.13 -9.35
C ALA A 204 3.03 32.02 -9.99
N PHE A 205 3.21 30.78 -9.53
CA PHE A 205 2.35 29.68 -10.01
C PHE A 205 0.85 29.96 -9.71
N ARG A 206 0.54 30.45 -8.50
CA ARG A 206 -0.84 30.81 -8.11
C ARG A 206 -1.44 31.90 -9.03
N SER A 207 -0.65 32.94 -9.30
CA SER A 207 -1.09 34.02 -10.18
CA SER A 207 -1.10 34.02 -10.17
C SER A 207 -1.47 33.53 -11.59
N ILE A 208 -0.63 32.64 -12.15
CA ILE A 208 -0.85 32.08 -13.49
C ILE A 208 -2.09 31.17 -13.51
N ALA A 209 -2.23 30.29 -12.49
CA ALA A 209 -3.43 29.43 -12.44
C ALA A 209 -4.75 30.23 -12.39
N ASP A 210 -4.76 31.30 -11.57
CA ASP A 210 -5.94 32.19 -11.43
C ASP A 210 -6.31 32.85 -12.80
N GLU A 211 -5.31 33.32 -13.54
CA GLU A 211 -5.54 33.96 -14.87
C GLU A 211 -6.30 33.08 -15.88
N VAL A 212 -5.96 31.78 -15.88
CA VAL A 212 -6.55 30.83 -16.82
C VAL A 212 -7.67 29.94 -16.23
N GLY A 213 -7.97 30.12 -14.94
CA GLY A 213 -8.99 29.35 -14.24
C GLY A 213 -8.63 27.89 -14.00
N ALA A 214 -7.35 27.61 -13.78
CA ALA A 214 -6.85 26.26 -13.46
C ALA A 214 -6.75 26.07 -11.96
N LYS A 215 -6.85 24.82 -11.50
CA LYS A 215 -6.40 24.43 -10.15
C LYS A 215 -4.87 24.21 -10.11
N LEU A 216 -4.23 24.55 -8.97
CA LEU A 216 -2.82 24.32 -8.71
C LEU A 216 -2.60 23.18 -7.71
N LEU A 217 -1.95 22.09 -8.19
CA LEU A 217 -1.39 21.01 -7.38
C LEU A 217 0.13 21.24 -7.22
N VAL A 218 0.65 21.31 -5.98
CA VAL A 218 2.10 21.20 -5.70
C VAL A 218 2.40 19.80 -5.16
N ASP A 219 3.32 19.11 -5.84
CA ASP A 219 3.85 17.77 -5.44
C ASP A 219 5.22 18.02 -4.78
N MET A 220 5.22 18.07 -3.44
CA MET A 220 6.42 18.35 -2.62
C MET A 220 7.17 17.12 -2.11
N ALA A 221 6.90 15.93 -2.67
CA ALA A 221 7.56 14.68 -2.22
C ALA A 221 9.06 14.82 -1.84
N HIS A 222 9.87 15.35 -2.76
CA HIS A 222 11.33 15.42 -2.49
C HIS A 222 11.71 16.33 -1.32
N PHE A 223 11.05 17.49 -1.23
CA PHE A 223 11.50 18.59 -0.32
C PHE A 223 10.62 18.81 0.95
N ALA A 224 9.69 17.89 1.25
CA ALA A 224 8.72 18.10 2.35
C ALA A 224 9.38 18.26 3.73
N GLY A 225 10.47 17.53 3.98
CA GLY A 225 11.19 17.65 5.25
C GLY A 225 11.89 18.99 5.43
N LEU A 226 12.35 19.58 4.32
CA LEU A 226 12.92 20.97 4.34
C LEU A 226 11.81 21.98 4.71
N VAL A 227 10.61 21.82 4.13
CA VAL A 227 9.43 22.66 4.46
C VAL A 227 9.05 22.54 5.95
N ALA A 228 8.99 21.32 6.47
CA ALA A 228 8.61 21.06 7.86
C ALA A 228 9.53 21.80 8.87
N ALA A 229 10.83 21.80 8.56
CA ALA A 229 11.84 22.46 9.43
C ALA A 229 11.96 23.98 9.20
N GLY A 230 11.18 24.56 8.30
CA GLY A 230 11.31 25.98 7.95
C GLY A 230 12.49 26.42 7.07
N LEU A 231 13.12 25.47 6.38
CA LEU A 231 14.31 25.73 5.54
C LEU A 231 14.07 25.79 3.99
N HIS A 232 12.81 25.68 3.55
CA HIS A 232 12.37 25.86 2.14
C HIS A 232 11.00 26.53 2.27
N PRO A 233 10.70 27.54 1.44
CA PRO A 233 9.39 28.21 1.51
C PRO A 233 8.21 27.22 1.35
N SER A 234 7.10 27.47 2.04
CA SER A 234 5.94 26.56 2.02
C SER A 234 5.05 26.80 0.82
N PRO A 235 4.59 25.70 0.14
CA PRO A 235 3.56 25.83 -0.88
C PRO A 235 2.10 25.95 -0.36
N VAL A 236 1.87 25.63 0.93
CA VAL A 236 0.52 25.50 1.49
C VAL A 236 -0.36 26.79 1.42
N PRO A 237 0.23 27.99 1.67
CA PRO A 237 -0.57 29.23 1.48
C PRO A 237 -1.09 29.50 0.05
N HIS A 238 -0.41 28.94 -0.96
CA HIS A 238 -0.58 29.26 -2.37
C HIS A 238 -1.31 28.21 -3.22
N ALA A 239 -1.31 26.95 -2.76
CA ALA A 239 -1.85 25.82 -3.53
C ALA A 239 -3.32 25.46 -3.20
N ASP A 240 -4.08 24.98 -4.20
CA ASP A 240 -5.40 24.35 -3.95
C ASP A 240 -5.24 23.05 -3.12
N VAL A 241 -4.33 22.18 -3.59
CA VAL A 241 -4.01 20.85 -2.99
C VAL A 241 -2.45 20.64 -3.06
N VAL A 242 -1.91 19.97 -2.03
CA VAL A 242 -0.49 19.57 -1.94
C VAL A 242 -0.40 18.03 -1.68
N SER A 243 0.32 17.34 -2.56
CA SER A 243 0.66 15.91 -2.38
C SER A 243 2.10 15.68 -1.92
N THR A 244 2.34 14.55 -1.22
CA THR A 244 3.70 14.17 -0.77
C THR A 244 3.86 12.65 -0.47
N THR A 245 5.11 12.18 -0.55
CA THR A 245 5.57 10.99 0.12
C THR A 245 5.87 11.29 1.61
N VAL A 246 5.73 10.31 2.51
CA VAL A 246 6.12 10.48 3.93
C VAL A 246 7.58 10.04 4.14
N HIS A 247 8.07 9.21 3.24
CA HIS A 247 9.48 8.85 3.08
C HIS A 247 10.13 10.05 2.29
N1 LLP A 248 6.17 12.45 -7.05
C2 LLP A 248 7.46 12.84 -6.87
C2' LLP A 248 7.71 14.30 -7.21
C3 LLP A 248 8.43 11.95 -6.41
O3 LLP A 248 9.61 12.34 -6.26
C4 LLP A 248 8.10 10.62 -6.10
C4' LLP A 248 9.15 9.67 -5.56
C5 LLP A 248 6.74 10.21 -6.32
C6 LLP A 248 5.82 11.14 -6.78
C5' LLP A 248 6.15 8.81 -6.18
OP4 LLP A 248 6.10 8.14 -4.91
P LLP A 248 6.15 6.52 -4.71
OP1 LLP A 248 7.41 6.05 -5.38
OP2 LLP A 248 6.03 6.39 -3.24
OP3 LLP A 248 4.93 5.99 -5.47
N LLP A 248 11.36 9.91 1.86
CA LLP A 248 12.26 10.99 1.31
CB LLP A 248 11.74 11.67 0.02
CG LLP A 248 11.34 10.61 -1.09
CD LLP A 248 10.91 11.17 -2.46
CE LLP A 248 10.38 10.02 -3.38
NZ LLP A 248 10.14 10.35 -4.87
C LLP A 248 12.70 11.93 2.46
O LLP A 248 12.96 11.44 3.55
N THR A 249 12.79 13.24 2.23
CA THR A 249 13.34 14.15 3.28
C THR A 249 12.48 14.18 4.57
N LEU A 250 11.16 13.94 4.48
CA LEU A 250 10.32 13.92 5.70
C LEU A 250 10.71 12.79 6.68
N GLY A 251 11.37 11.74 6.20
CA GLY A 251 12.06 10.77 7.07
C GLY A 251 11.26 9.62 7.70
N GLY A 252 10.05 9.41 7.15
CA GLY A 252 9.14 8.41 7.65
C GLY A 252 9.04 7.12 6.84
N GLY A 253 8.02 6.34 7.16
CA GLY A 253 7.76 5.04 6.50
C GLY A 253 7.14 5.20 5.12
N ARG A 254 7.35 4.20 4.26
CA ARG A 254 7.00 4.26 2.82
C ARG A 254 5.47 4.30 2.58
N SER A 255 5.00 5.48 2.13
CA SER A 255 3.56 5.81 2.04
C SER A 255 3.34 7.22 1.47
N GLY A 256 2.05 7.60 1.30
CA GLY A 256 1.64 8.95 0.86
C GLY A 256 0.75 9.76 1.82
N LEU A 257 0.48 11.02 1.43
CA LEU A 257 -0.28 12.00 2.25
C LEU A 257 -0.77 13.16 1.36
N ILE A 258 -1.98 13.68 1.66
CA ILE A 258 -2.53 14.88 0.97
C ILE A 258 -2.99 15.93 2.02
N VAL A 259 -2.65 17.22 1.78
CA VAL A 259 -3.22 18.36 2.58
C VAL A 259 -3.76 19.44 1.59
N GLY A 260 -4.69 20.30 2.02
CA GLY A 260 -5.19 21.38 1.13
C GLY A 260 -6.25 22.27 1.74
N LYS A 261 -6.85 23.10 0.87
CA LYS A 261 -7.93 24.00 1.27
CA LYS A 261 -7.93 24.02 1.27
C LYS A 261 -9.25 23.26 1.55
N GLN A 262 -10.01 23.74 2.54
CA GLN A 262 -11.26 23.08 2.97
C GLN A 262 -12.29 22.81 1.86
N GLN A 263 -12.38 23.71 0.88
CA GLN A 263 -13.37 23.55 -0.21
C GLN A 263 -13.20 22.24 -1.01
N TYR A 264 -11.99 21.64 -0.94
CA TYR A 264 -11.72 20.32 -1.62
C TYR A 264 -11.80 19.07 -0.72
N ALA A 265 -12.26 19.20 0.53
CA ALA A 265 -12.25 18.07 1.47
C ALA A 265 -13.08 16.87 0.96
N LYS A 266 -14.32 17.11 0.54
CA LYS A 266 -15.23 15.99 0.09
C LYS A 266 -14.71 15.37 -1.24
N ALA A 267 -14.31 16.19 -2.19
CA ALA A 267 -13.73 15.74 -3.49
C ALA A 267 -12.52 14.82 -3.27
N ILE A 268 -11.58 15.24 -2.41
CA ILE A 268 -10.37 14.47 -2.13
C ILE A 268 -10.68 13.21 -1.32
N ASN A 269 -11.46 13.31 -0.23
CA ASN A 269 -11.80 12.07 0.55
C ASN A 269 -12.44 10.97 -0.37
N SER A 270 -13.45 11.34 -1.15
CA SER A 270 -14.18 10.39 -2.01
CA SER A 270 -14.19 10.40 -2.02
C SER A 270 -13.29 9.81 -3.13
N ALA A 271 -12.33 10.60 -3.63
CA ALA A 271 -11.34 10.13 -4.64
C ALA A 271 -10.36 9.07 -4.06
N VAL A 272 -9.89 9.25 -2.82
CA VAL A 272 -9.04 8.18 -2.18
C VAL A 272 -9.86 6.89 -1.94
N PHE A 273 -11.00 7.02 -1.27
CA PHE A 273 -11.93 5.87 -1.02
C PHE A 273 -13.41 6.34 -1.17
N PRO A 274 -14.24 5.67 -2.01
CA PRO A 274 -13.96 4.45 -2.80
C PRO A 274 -13.41 4.71 -4.22
N GLY A 275 -12.94 5.90 -4.56
CA GLY A 275 -12.45 6.21 -5.89
C GLY A 275 -11.31 5.35 -6.42
N GLN A 276 -10.21 5.32 -5.66
CA GLN A 276 -8.94 4.63 -6.04
C GLN A 276 -8.63 3.35 -5.24
N GLN A 277 -8.84 3.41 -3.92
CA GLN A 277 -8.40 2.36 -2.94
C GLN A 277 -9.57 1.60 -2.30
N GLY A 278 -9.21 0.49 -1.64
CA GLY A 278 -10.05 -0.25 -0.67
C GLY A 278 -9.65 0.03 0.77
N GLY A 279 -9.39 -1.01 1.55
CA GLY A 279 -8.93 -0.82 2.94
C GLY A 279 -7.56 -0.15 3.11
N PRO A 280 -7.45 0.86 4.02
CA PRO A 280 -6.15 1.51 4.30
C PRO A 280 -5.20 0.64 5.15
N LEU A 281 -3.89 0.96 5.12
CA LEU A 281 -2.90 0.22 5.94
C LEU A 281 -2.78 0.88 7.35
N MET A 282 -3.55 0.41 8.36
CA MET A 282 -3.61 1.14 9.66
C MET A 282 -2.30 1.09 10.48
N HIS A 283 -1.51 0.02 10.36
CA HIS A 283 -0.13 -0.04 10.94
C HIS A 283 0.80 1.04 10.36
N VAL A 284 0.72 1.25 9.06
CA VAL A 284 1.51 2.31 8.40
C VAL A 284 1.01 3.75 8.80
N ILE A 285 -0.31 3.93 8.92
CA ILE A 285 -0.89 5.23 9.39
C ILE A 285 -0.42 5.54 10.84
N ALA A 286 -0.32 4.53 11.71
CA ALA A 286 0.24 4.75 13.06
C ALA A 286 1.69 5.30 12.99
N GLY A 287 2.50 4.75 12.08
CA GLY A 287 3.84 5.27 11.85
C GLY A 287 3.89 6.69 11.28
N LYS A 288 2.90 7.07 10.45
CA LYS A 288 2.77 8.45 9.95
C LYS A 288 2.58 9.43 11.14
N ALA A 289 1.70 9.12 12.10
CA ALA A 289 1.56 9.99 13.31
C ALA A 289 2.90 10.16 14.05
N VAL A 290 3.66 9.08 14.19
CA VAL A 290 5.01 9.16 14.85
C VAL A 290 6.00 10.06 14.10
N ALA A 291 6.10 9.90 12.77
CA ALA A 291 7.01 10.67 11.95
C ALA A 291 6.67 12.17 11.96
N LEU A 292 5.37 12.49 12.00
CA LEU A 292 4.89 13.88 12.02
C LEU A 292 5.24 14.55 13.38
N LYS A 293 5.21 13.77 14.47
CA LYS A 293 5.63 14.28 15.83
C LYS A 293 7.15 14.58 15.82
N ILE A 294 7.96 13.64 15.32
CA ILE A 294 9.42 13.87 15.22
C ILE A 294 9.77 15.11 14.34
N ALA A 295 9.01 15.34 13.27
CA ALA A 295 9.30 16.41 12.31
C ALA A 295 9.16 17.86 12.82
N ALA A 296 8.50 18.02 13.99
CA ALA A 296 8.36 19.31 14.68
C ALA A 296 9.49 19.60 15.69
N THR A 297 10.41 18.65 15.91
CA THR A 297 11.44 18.81 16.98
C THR A 297 12.69 19.63 16.54
N PRO A 298 13.39 20.27 17.52
CA PRO A 298 14.66 20.92 17.18
C PRO A 298 15.75 19.97 16.63
N GLU A 299 15.80 18.73 17.12
CA GLU A 299 16.71 17.70 16.58
C GLU A 299 16.51 17.45 15.07
N PHE A 300 15.26 17.33 14.64
CA PHE A 300 14.95 17.14 13.22
C PHE A 300 15.40 18.34 12.38
N ALA A 301 15.15 19.56 12.88
CA ALA A 301 15.54 20.81 12.20
C ALA A 301 17.06 20.93 11.99
N ASP A 302 17.84 20.57 13.01
CA ASP A 302 19.32 20.52 12.88
C ASP A 302 19.78 19.51 11.80
N ARG A 303 19.13 18.33 11.76
CA ARG A 303 19.40 17.28 10.76
C ARG A 303 19.13 17.76 9.33
N GLN A 304 18.06 18.53 9.16
CA GLN A 304 17.83 19.19 7.89
C GLN A 304 18.90 20.24 7.58
N ARG A 305 19.40 20.96 8.61
CA ARG A 305 20.47 21.93 8.33
C ARG A 305 21.77 21.25 7.92
N ARG A 306 22.13 20.13 8.53
CA ARG A 306 23.33 19.32 8.16
C ARG A 306 23.19 18.72 6.71
N THR A 307 21.95 18.34 6.34
CA THR A 307 21.61 17.94 4.96
C THR A 307 21.95 19.00 3.90
N LEU A 308 21.46 20.23 4.11
CA LEU A 308 21.69 21.34 3.20
C LEU A 308 23.19 21.79 3.15
N SER A 309 23.87 21.83 4.31
CA SER A 309 25.27 22.24 4.34
CA SER A 309 25.29 22.21 4.39
C SER A 309 26.17 21.19 3.65
N GLY A 310 25.85 19.91 3.79
CA GLY A 310 26.60 18.86 3.08
C GLY A 310 26.48 18.98 1.56
N ALA A 311 25.27 19.26 1.06
CA ALA A 311 25.05 19.42 -0.39
C ALA A 311 25.82 20.61 -0.97
N ARG A 312 25.89 21.72 -0.21
CA ARG A 312 26.65 22.92 -0.60
C ARG A 312 28.17 22.61 -0.62
N ILE A 313 28.67 21.83 0.35
CA ILE A 313 30.10 21.39 0.43
C ILE A 313 30.54 20.50 -0.78
N ILE A 314 29.64 19.62 -1.23
CA ILE A 314 29.90 18.77 -2.41
C ILE A 314 29.87 19.56 -3.71
N ALA A 315 28.87 20.44 -3.87
CA ALA A 315 28.79 21.28 -5.07
C ALA A 315 30.03 22.19 -5.25
N ASP A 316 30.48 22.80 -4.16
CA ASP A 316 31.68 23.66 -4.17
CA ASP A 316 31.67 23.66 -4.22
C ASP A 316 32.93 22.88 -4.60
N ARG A 317 33.14 21.71 -3.99
CA ARG A 317 34.30 20.86 -4.33
C ARG A 317 34.29 20.40 -5.80
N LEU A 318 33.11 20.15 -6.38
CA LEU A 318 33.02 19.72 -7.78
C LEU A 318 33.13 20.86 -8.80
N MET A 319 33.17 22.12 -8.32
CA MET A 319 33.44 23.26 -9.19
C MET A 319 34.92 23.76 -9.08
N ALA A 320 35.76 23.02 -8.36
CA ALA A 320 37.20 23.37 -8.20
C ALA A 320 38.00 23.12 -9.51
N PRO A 321 39.18 23.77 -9.67
CA PRO A 321 39.92 23.72 -10.94
C PRO A 321 40.19 22.32 -11.52
N ASP A 322 40.52 21.35 -10.67
CA ASP A 322 40.81 19.99 -11.13
C ASP A 322 39.60 19.27 -11.78
N VAL A 323 38.41 19.49 -11.24
CA VAL A 323 37.18 18.85 -11.75
C VAL A 323 36.70 19.57 -13.02
N ALA A 324 36.79 20.89 -13.02
CA ALA A 324 36.38 21.70 -14.17
C ALA A 324 37.24 21.42 -15.43
N LYS A 325 38.54 21.25 -15.23
CA LYS A 325 39.48 20.91 -16.31
C LYS A 325 39.21 19.50 -16.94
N ALA A 326 38.64 18.56 -16.15
CA ALA A 326 38.30 17.24 -16.67
C ALA A 326 37.04 17.27 -17.55
N GLY A 327 36.33 18.40 -17.62
CA GLY A 327 35.14 18.55 -18.45
C GLY A 327 33.78 18.33 -17.75
N VAL A 328 33.82 18.22 -16.43
CA VAL A 328 32.62 17.97 -15.62
C VAL A 328 32.02 19.29 -15.12
N SER A 329 30.69 19.45 -15.16
CA SER A 329 30.03 20.69 -14.71
C SER A 329 28.85 20.47 -13.74
N VAL A 330 28.61 21.47 -12.88
CA VAL A 330 27.50 21.41 -11.90
C VAL A 330 26.32 22.24 -12.43
N VAL A 331 25.16 21.60 -12.62
CA VAL A 331 23.97 22.25 -13.18
C VAL A 331 23.49 23.43 -12.29
N SER A 332 23.40 24.61 -12.91
CA SER A 332 23.01 25.90 -12.25
C SER A 332 24.10 26.57 -11.41
N GLY A 333 25.28 25.94 -11.31
CA GLY A 333 26.40 26.51 -10.54
C GLY A 333 26.32 26.41 -9.03
N GLY A 334 25.50 25.48 -8.52
CA GLY A 334 25.34 25.29 -7.09
C GLY A 334 24.02 24.57 -6.77
N THR A 335 23.60 24.68 -5.52
CA THR A 335 22.32 24.10 -5.05
C THR A 335 21.77 24.85 -3.82
N ASP A 336 20.44 24.87 -3.70
CA ASP A 336 19.75 25.37 -2.51
C ASP A 336 18.93 24.24 -1.79
N VAL A 337 19.06 23.00 -2.29
CA VAL A 337 18.30 21.86 -1.77
C VAL A 337 19.22 20.68 -1.32
N HIS A 338 18.65 19.47 -1.18
CA HIS A 338 19.32 18.27 -0.60
C HIS A 338 20.10 17.41 -1.62
N LEU A 339 20.31 17.94 -2.82
CA LEU A 339 20.98 17.21 -3.92
C LEU A 339 21.82 18.11 -4.84
N VAL A 340 22.74 17.47 -5.57
CA VAL A 340 23.58 18.14 -6.58
C VAL A 340 23.38 17.43 -7.95
N LEU A 341 23.08 18.18 -9.01
CA LEU A 341 22.93 17.67 -10.38
C LEU A 341 24.22 17.94 -11.19
N VAL A 342 24.78 16.88 -11.77
CA VAL A 342 26.08 16.95 -12.50
C VAL A 342 25.92 16.57 -14.00
N ASP A 343 26.48 17.37 -14.91
CA ASP A 343 26.48 17.11 -16.38
C ASP A 343 27.86 16.58 -16.82
N LEU A 344 27.85 15.38 -17.39
CA LEU A 344 29.06 14.67 -17.85
C LEU A 344 29.35 14.72 -19.36
N ARG A 345 28.56 15.43 -20.17
CA ARG A 345 28.66 15.31 -21.64
C ARG A 345 30.00 15.77 -22.30
N ASP A 346 30.71 16.69 -21.64
CA ASP A 346 32.03 17.16 -22.12
C ASP A 346 33.22 16.47 -21.38
N SER A 347 32.94 15.36 -20.68
CA SER A 347 33.97 14.60 -19.91
C SER A 347 34.21 13.21 -20.53
N PRO A 348 35.25 12.47 -20.07
CA PRO A 348 35.42 11.11 -20.62
C PRO A 348 34.44 10.06 -20.10
N LEU A 349 33.60 10.41 -19.12
CA LEU A 349 32.66 9.44 -18.50
C LEU A 349 31.23 9.62 -19.02
N ASP A 350 30.51 8.53 -19.25
CA ASP A 350 29.05 8.62 -19.29
C ASP A 350 28.44 8.23 -17.93
N GLY A 351 27.12 8.39 -17.82
CA GLY A 351 26.41 8.16 -16.58
C GLY A 351 26.64 6.78 -15.97
N GLN A 352 26.60 5.74 -16.80
CA GLN A 352 26.78 4.37 -16.31
C GLN A 352 28.21 4.15 -15.82
N ALA A 353 29.19 4.72 -16.53
CA ALA A 353 30.58 4.57 -16.16
C ALA A 353 30.87 5.26 -14.81
N ALA A 354 30.30 6.44 -14.60
CA ALA A 354 30.45 7.17 -13.33
C ALA A 354 29.80 6.44 -12.15
N GLU A 355 28.60 5.90 -12.38
CA GLU A 355 27.88 5.14 -11.36
C GLU A 355 28.70 3.89 -10.96
N ASP A 356 29.24 3.17 -11.94
CA ASP A 356 30.04 1.95 -11.65
C ASP A 356 31.33 2.26 -10.88
N LEU A 357 32.01 3.35 -11.25
CA LEU A 357 33.24 3.74 -10.56
C LEU A 357 32.98 4.11 -9.09
N LEU A 358 31.87 4.80 -8.81
CA LEU A 358 31.55 5.15 -7.42
C LEU A 358 31.19 3.91 -6.59
N HIS A 359 30.51 2.94 -7.20
CA HIS A 359 30.24 1.67 -6.53
C HIS A 359 31.55 0.94 -6.10
N GLU A 360 32.58 1.00 -6.94
CA GLU A 360 33.89 0.39 -6.63
C GLU A 360 34.51 0.94 -5.35
N VAL A 361 34.30 2.23 -5.07
CA VAL A 361 34.84 2.88 -3.86
C VAL A 361 33.85 2.96 -2.67
N GLY A 362 32.70 2.27 -2.79
CA GLY A 362 31.74 2.11 -1.69
C GLY A 362 30.59 3.12 -1.59
N ILE A 363 30.32 3.86 -2.66
CA ILE A 363 29.27 4.91 -2.72
C ILE A 363 28.15 4.56 -3.74
N THR A 364 26.90 4.59 -3.28
CA THR A 364 25.71 4.35 -4.12
C THR A 364 25.04 5.67 -4.58
N VAL A 365 25.07 6.00 -5.89
CA VAL A 365 24.38 7.23 -6.46
C VAL A 365 23.39 6.82 -7.58
N ASN A 366 22.79 7.77 -8.30
CA ASN A 366 22.09 7.37 -9.55
C ASN A 366 22.32 8.28 -10.76
N ARG A 367 22.20 7.67 -11.95
CA ARG A 367 22.42 8.35 -13.24
C ARG A 367 21.19 9.16 -13.66
N SER A 381 23.55 12.26 -20.18
CA SER A 381 24.80 12.25 -19.42
C SER A 381 24.70 12.97 -18.08
N GLY A 382 23.81 12.49 -17.21
CA GLY A 382 23.59 13.13 -15.92
C GLY A 382 23.86 12.20 -14.74
N LEU A 383 24.03 12.81 -13.58
CA LEU A 383 24.29 12.11 -12.33
C LEU A 383 23.65 12.95 -11.20
N ARG A 384 22.98 12.30 -10.26
CA ARG A 384 22.37 12.99 -9.09
C ARG A 384 23.00 12.45 -7.81
N ILE A 385 23.44 13.36 -6.93
CA ILE A 385 24.11 13.03 -5.67
C ILE A 385 23.32 13.65 -4.49
N GLY A 386 22.86 12.84 -3.53
CA GLY A 386 22.05 13.34 -2.39
C GLY A 386 22.65 13.12 -0.98
N THR A 387 22.26 13.99 -0.04
CA THR A 387 22.76 13.96 1.37
C THR A 387 21.80 13.56 2.57
N PRO A 388 20.46 13.42 2.35
CA PRO A 388 19.61 13.11 3.52
C PRO A 388 19.98 11.87 4.37
N ALA A 389 20.29 10.73 3.74
CA ALA A 389 20.53 9.50 4.45
C ALA A 389 21.80 9.59 5.33
N LEU A 390 22.86 10.19 4.78
CA LEU A 390 24.13 10.39 5.57
C LEU A 390 23.99 11.37 6.74
N ALA A 391 23.22 12.43 6.57
CA ALA A 391 22.86 13.31 7.70
C ALA A 391 22.09 12.61 8.80
N THR A 392 21.09 11.82 8.43
CA THR A 392 20.38 11.01 9.44
C THR A 392 21.31 10.08 10.25
N ARG A 393 22.31 9.53 9.59
CA ARG A 393 23.27 8.61 10.18
C ARG A 393 24.25 9.35 11.11
N GLY A 394 24.31 10.66 11.00
CA GLY A 394 25.07 11.52 11.92
C GLY A 394 26.24 12.32 11.32
N PHE A 395 26.42 12.29 9.99
CA PHE A 395 27.50 13.04 9.32
C PHE A 395 27.28 14.55 9.48
N GLY A 396 28.37 15.28 9.78
CA GLY A 396 28.39 16.75 9.71
C GLY A 396 29.45 17.26 8.71
N ASP A 397 29.90 18.50 8.88
CA ASP A 397 30.75 19.15 7.84
C ASP A 397 32.11 18.47 7.57
N THR A 398 32.81 18.08 8.62
CA THR A 398 34.08 17.35 8.47
C THR A 398 33.91 16.08 7.62
N GLU A 399 32.81 15.35 7.84
CA GLU A 399 32.58 14.09 7.16
C GLU A 399 32.17 14.32 5.70
N PHE A 400 31.36 15.34 5.45
CA PHE A 400 30.95 15.66 4.07
C PHE A 400 32.11 16.22 3.25
N THR A 401 33.05 16.90 3.92
CA THR A 401 34.30 17.34 3.28
C THR A 401 35.10 16.13 2.76
N GLU A 402 35.24 15.10 3.58
CA GLU A 402 35.92 13.85 3.17
C GLU A 402 35.18 13.13 2.01
N VAL A 403 33.88 12.87 2.18
CA VAL A 403 33.07 12.30 1.04
C VAL A 403 33.17 13.11 -0.28
N ALA A 404 33.09 14.45 -0.25
CA ALA A 404 33.23 15.26 -1.48
C ALA A 404 34.60 15.04 -2.14
N ASP A 405 35.65 14.93 -1.32
CA ASP A 405 36.99 14.78 -1.88
C ASP A 405 37.17 13.42 -2.55
N ILE A 406 36.60 12.37 -1.96
CA ILE A 406 36.58 11.02 -2.57
C ILE A 406 35.91 11.08 -3.98
N ILE A 407 34.70 11.66 -4.06
CA ILE A 407 33.96 11.79 -5.36
C ILE A 407 34.74 12.60 -6.42
N ALA A 408 35.26 13.78 -6.04
CA ALA A 408 36.01 14.65 -6.94
C ALA A 408 37.24 13.99 -7.52
N THR A 409 37.96 13.24 -6.69
CA THR A 409 39.18 12.54 -7.12
C THR A 409 38.81 11.45 -8.13
N ALA A 410 37.74 10.69 -7.86
CA ALA A 410 37.28 9.69 -8.83
C ALA A 410 36.87 10.30 -10.19
N LEU A 411 36.13 11.41 -10.19
CA LEU A 411 35.62 12.00 -11.43
C LEU A 411 36.69 12.77 -12.24
N ALA A 412 37.74 13.26 -11.56
CA ALA A 412 38.74 14.11 -12.19
C ALA A 412 39.94 13.38 -12.78
N THR A 413 40.43 12.35 -12.08
CA THR A 413 41.78 11.81 -12.33
C THR A 413 41.94 10.69 -13.38
N GLY A 414 40.85 10.31 -14.06
CA GLY A 414 40.93 9.39 -15.19
C GLY A 414 41.54 8.04 -14.89
N SER A 415 42.30 7.52 -15.86
CA SER A 415 43.00 6.23 -15.75
C SER A 415 43.86 6.03 -14.49
N SER A 416 44.43 7.11 -13.96
CA SER A 416 45.34 7.03 -12.81
C SER A 416 44.64 6.91 -11.43
N VAL A 417 43.35 6.55 -11.43
CA VAL A 417 42.54 6.53 -10.21
C VAL A 417 42.84 5.29 -9.34
N ASP A 418 43.20 5.53 -8.09
CA ASP A 418 43.52 4.47 -7.14
C ASP A 418 42.25 4.00 -6.39
N VAL A 419 41.52 3.06 -6.99
CA VAL A 419 40.25 2.56 -6.44
C VAL A 419 40.39 2.04 -5.00
N SER A 420 41.47 1.32 -4.73
CA SER A 420 41.72 0.67 -3.44
C SER A 420 41.89 1.66 -2.30
N ALA A 421 42.63 2.74 -2.56
CA ALA A 421 42.90 3.78 -1.57
C ALA A 421 41.61 4.53 -1.24
N LEU A 422 40.80 4.79 -2.27
CA LEU A 422 39.50 5.47 -2.10
C LEU A 422 38.48 4.59 -1.34
N LYS A 423 38.42 3.28 -1.62
CA LYS A 423 37.54 2.36 -0.87
C LYS A 423 37.84 2.31 0.63
N ASP A 424 39.13 2.27 0.99
CA ASP A 424 39.52 2.20 2.41
C ASP A 424 39.10 3.45 3.19
N ARG A 425 39.17 4.61 2.56
CA ARG A 425 38.69 5.87 3.13
C ARG A 425 37.17 5.88 3.34
N ALA A 426 36.42 5.27 2.43
CA ALA A 426 34.96 5.19 2.59
C ALA A 426 34.56 4.26 3.73
N THR A 427 35.22 3.10 3.84
CA THR A 427 34.89 2.13 4.89
CA THR A 427 34.89 2.14 4.89
C THR A 427 35.25 2.68 6.28
N ARG A 428 36.33 3.47 6.36
CA ARG A 428 36.71 4.15 7.62
C ARG A 428 35.60 5.05 8.13
N LEU A 429 35.03 5.88 7.25
CA LEU A 429 33.89 6.75 7.60
C LEU A 429 32.66 5.94 8.06
N ALA A 430 32.28 4.92 7.30
CA ALA A 430 31.09 4.11 7.66
C ALA A 430 31.24 3.47 9.06
N ARG A 431 32.43 2.90 9.32
CA ARG A 431 32.73 2.21 10.58
C ARG A 431 32.63 3.12 11.83
N ALA A 432 32.90 4.41 11.62
CA ALA A 432 32.94 5.43 12.67
C ALA A 432 31.55 5.96 13.08
N PHE A 433 30.56 5.79 12.19
CA PHE A 433 29.17 6.22 12.45
C PHE A 433 28.21 5.02 12.35
N PRO A 434 28.10 4.25 13.45
CA PRO A 434 27.30 3.03 13.41
C PRO A 434 25.84 3.33 13.09
N LEU A 435 25.21 2.45 12.29
CA LEU A 435 23.80 2.57 11.88
C LEU A 435 23.00 1.50 12.61
N TYR A 436 21.88 1.89 13.23
CA TYR A 436 20.99 0.94 13.93
C TYR A 436 21.75 0.12 15.01
N ASP A 437 22.63 0.79 15.77
CA ASP A 437 23.43 0.09 16.81
C ASP A 437 22.49 -0.44 17.90
N GLY A 438 22.46 -1.75 18.08
CA GLY A 438 21.61 -2.39 19.10
C GLY A 438 20.29 -2.99 18.62
N LEU A 439 19.98 -2.84 17.32
CA LEU A 439 18.74 -3.41 16.71
C LEU A 439 18.53 -4.89 17.06
N GLU A 440 19.62 -5.66 17.08
CA GLU A 440 19.57 -7.10 17.40
C GLU A 440 18.99 -7.47 18.79
N GLU A 441 18.89 -6.47 19.69
CA GLU A 441 18.31 -6.64 21.04
C GLU A 441 16.95 -5.95 21.24
N TRP A 442 16.51 -5.10 20.31
CA TRP A 442 15.25 -4.34 20.48
C TRP A 442 13.97 -5.20 20.41
N SER A 443 12.98 -4.86 21.24
CA SER A 443 11.68 -5.54 21.32
C SER A 443 10.67 -5.02 20.26
N LEU A 444 9.68 -5.86 19.92
CA LEU A 444 8.49 -5.37 19.15
C LEU A 444 7.72 -4.25 19.87
N VAL A 445 7.43 -4.47 21.15
CA VAL A 445 6.73 -3.49 22.01
C VAL A 445 7.46 -3.28 23.33
N GLY A 446 7.34 -2.06 23.89
CA GLY A 446 8.08 -1.66 25.10
C GLY A 446 9.45 -1.04 24.85
N GLY B 20 19.81 10.63 20.90
CA GLY B 20 19.01 10.89 19.66
C GLY B 20 17.78 10.01 19.47
N SER B 21 16.75 10.60 18.86
CA SER B 21 15.47 9.93 18.71
C SER B 21 15.53 8.74 17.74
N MET B 22 16.61 8.61 16.95
CA MET B 22 16.74 7.48 16.02
C MET B 22 16.74 6.10 16.70
N SER B 23 17.18 6.02 17.97
CA SER B 23 17.32 4.75 18.68
CA SER B 23 17.33 4.78 18.71
C SER B 23 16.40 4.67 19.92
N ALA B 24 15.53 5.65 20.10
CA ALA B 24 14.62 5.68 21.26
C ALA B 24 13.34 4.82 21.04
N PRO B 25 12.86 4.11 22.08
CA PRO B 25 11.66 3.26 21.92
C PRO B 25 10.36 4.06 21.70
N LEU B 26 9.39 3.47 20.99
CA LEU B 26 8.07 4.11 20.78
C LEU B 26 7.40 4.63 22.09
N ALA B 27 7.52 3.87 23.21
CA ALA B 27 6.93 4.28 24.50
C ALA B 27 7.48 5.63 24.99
N GLU B 28 8.73 5.96 24.62
CA GLU B 28 9.37 7.26 24.98
CA GLU B 28 9.35 7.25 24.99
C GLU B 28 9.04 8.34 23.94
N VAL B 29 9.19 8.02 22.65
CA VAL B 29 9.02 8.97 21.56
C VAL B 29 7.55 9.48 21.40
N ASP B 30 6.57 8.58 21.55
CA ASP B 30 5.13 8.88 21.30
C ASP B 30 4.22 8.07 22.22
N PRO B 31 4.11 8.50 23.50
CA PRO B 31 3.34 7.68 24.45
C PRO B 31 1.85 7.46 24.07
N ASP B 32 1.22 8.47 23.46
CA ASP B 32 -0.20 8.35 23.00
C ASP B 32 -0.39 7.20 21.97
N ILE B 33 0.49 7.12 20.96
CA ILE B 33 0.44 6.02 19.99
C ILE B 33 0.76 4.65 20.62
N ALA B 34 1.76 4.59 21.51
CA ALA B 34 2.06 3.31 22.18
C ALA B 34 0.85 2.76 22.98
N GLU B 35 0.15 3.66 23.68
CA GLU B 35 -1.05 3.33 24.44
C GLU B 35 -2.19 2.77 23.57
N LEU B 36 -2.38 3.38 22.40
CA LEU B 36 -3.41 2.92 21.44
C LEU B 36 -3.03 1.54 20.83
N LEU B 37 -1.75 1.28 20.59
CA LEU B 37 -1.33 -0.09 20.16
C LEU B 37 -1.69 -1.18 21.20
N ALA B 38 -1.45 -0.87 22.49
CA ALA B 38 -1.82 -1.81 23.56
C ALA B 38 -3.36 -1.99 23.69
N LYS B 39 -4.13 -0.92 23.58
CA LYS B 39 -5.61 -1.05 23.56
C LYS B 39 -6.15 -1.86 22.39
N GLU B 40 -5.60 -1.66 21.17
CA GLU B 40 -6.04 -2.46 20.01
C GLU B 40 -5.70 -3.97 20.13
N LEU B 41 -4.50 -4.29 20.63
CA LEU B 41 -4.11 -5.69 20.95
C LEU B 41 -5.11 -6.30 21.96
N GLY B 42 -5.45 -5.57 23.04
CA GLY B 42 -6.46 -6.06 23.98
C GLY B 42 -7.86 -6.33 23.41
N ARG B 43 -8.32 -5.45 22.49
CA ARG B 43 -9.62 -5.61 21.81
C ARG B 43 -9.63 -6.89 20.95
N GLN B 44 -8.54 -7.12 20.23
CA GLN B 44 -8.40 -8.33 19.40
C GLN B 44 -8.42 -9.62 20.29
N ARG B 45 -7.73 -9.56 21.44
CA ARG B 45 -7.72 -10.70 22.39
C ARG B 45 -9.11 -10.97 23.01
N ASP B 46 -9.87 -9.92 23.33
CA ASP B 46 -11.10 -10.05 24.14
C ASP B 46 -12.39 -10.35 23.34
N THR B 47 -12.41 -10.08 22.04
CA THR B 47 -13.60 -10.30 21.18
C THR B 47 -13.49 -11.62 20.40
N LEU B 48 -14.64 -12.14 19.93
CA LEU B 48 -14.66 -13.23 18.93
C LEU B 48 -14.90 -12.63 17.49
N GLU B 49 -13.83 -12.64 16.69
CA GLU B 49 -13.84 -12.02 15.36
C GLU B 49 -14.45 -12.94 14.32
N MET B 50 -15.60 -12.54 13.73
CA MET B 50 -16.35 -13.28 12.70
C MET B 50 -16.73 -12.45 11.43
N ILE B 51 -15.98 -11.38 11.19
CA ILE B 51 -16.01 -10.68 9.86
C ILE B 51 -15.23 -11.56 8.83
N ALA B 52 -15.93 -12.03 7.77
CA ALA B 52 -15.36 -12.98 6.80
C ALA B 52 -14.10 -12.55 6.01
N SER B 53 -13.86 -11.23 5.92
CA SER B 53 -12.64 -10.70 5.29
C SER B 53 -11.46 -10.49 6.27
N GLU B 54 -11.65 -10.79 7.57
CA GLU B 54 -10.61 -10.57 8.61
CA GLU B 54 -10.58 -10.57 8.56
C GLU B 54 -9.86 -11.88 8.94
N ASN B 55 -8.65 -11.71 9.48
CA ASN B 55 -7.79 -12.85 9.90
C ASN B 55 -6.70 -12.32 10.87
N PHE B 56 -5.76 -13.19 11.31
CA PHE B 56 -4.64 -12.81 12.18
C PHE B 56 -3.28 -13.23 11.56
N VAL B 57 -2.35 -12.29 11.35
CA VAL B 57 -1.02 -12.62 10.80
C VAL B 57 -0.13 -13.36 11.87
N PRO B 58 0.75 -14.27 11.39
CA PRO B 58 1.72 -14.91 12.32
C PRO B 58 2.85 -13.95 12.79
N ARG B 59 3.55 -14.31 13.89
CA ARG B 59 4.75 -13.59 14.36
C ARG B 59 5.78 -13.24 13.25
N ALA B 60 6.09 -14.23 12.39
CA ALA B 60 7.07 -14.05 11.33
C ALA B 60 6.73 -12.92 10.31
N VAL B 61 5.42 -12.75 10.05
CA VAL B 61 4.95 -11.63 9.18
C VAL B 61 5.02 -10.26 9.89
N LEU B 62 4.69 -10.18 11.20
CA LEU B 62 4.97 -8.94 11.98
C LEU B 62 6.44 -8.53 11.86
N GLN B 63 7.35 -9.50 12.04
CA GLN B 63 8.80 -9.20 11.97
C GLN B 63 9.23 -8.71 10.57
N ALA B 64 8.74 -9.36 9.50
CA ALA B 64 9.07 -8.87 8.13
C ALA B 64 8.55 -7.43 7.88
N GLN B 65 7.30 -7.19 8.28
CA GLN B 65 6.67 -5.84 8.06
C GLN B 65 7.34 -4.72 8.88
N GLY B 66 7.93 -5.07 10.03
CA GLY B 66 8.78 -4.16 10.84
C GLY B 66 10.28 -4.10 10.52
N SER B 67 10.67 -4.59 9.34
CA SER B 67 12.10 -4.63 8.94
C SER B 67 12.64 -3.39 8.23
N VAL B 68 13.98 -3.30 8.15
CA VAL B 68 14.69 -2.19 7.52
C VAL B 68 14.57 -2.17 5.95
N LEU B 69 13.90 -3.18 5.37
CA LEU B 69 13.61 -3.21 3.94
C LEU B 69 12.72 -2.04 3.47
N THR B 70 11.96 -1.42 4.41
CA THR B 70 11.25 -0.13 4.12
C THR B 70 12.18 0.98 3.54
N ASN B 71 13.48 0.92 3.88
CA ASN B 71 14.42 1.97 3.42
C ASN B 71 14.87 1.86 1.96
N LYS B 72 14.63 0.72 1.27
CA LYS B 72 15.15 0.54 -0.11
C LYS B 72 14.22 0.99 -1.24
N TYR B 73 14.68 1.90 -2.11
CA TYR B 73 14.00 2.24 -3.40
C TYR B 73 14.35 1.17 -4.46
N ALA B 74 13.32 0.57 -5.09
CA ALA B 74 13.51 -0.58 -6.02
C ALA B 74 12.52 -0.55 -7.21
N GLU B 75 12.31 0.63 -7.80
CA GLU B 75 11.48 0.74 -9.02
C GLU B 75 12.03 -0.17 -10.11
N GLY B 76 11.14 -0.81 -10.82
CA GLY B 76 11.49 -1.79 -11.88
C GLY B 76 11.23 -3.21 -11.44
N LEU B 77 11.98 -4.17 -12.00
CA LEU B 77 11.86 -5.60 -11.64
C LEU B 77 13.27 -6.19 -11.36
N PRO B 78 13.34 -7.35 -10.66
CA PRO B 78 14.64 -8.01 -10.40
C PRO B 78 15.51 -8.09 -11.68
N GLY B 79 16.78 -7.70 -11.57
CA GLY B 79 17.71 -7.64 -12.74
C GLY B 79 17.58 -6.47 -13.70
N ARG B 80 16.53 -5.66 -13.51
CA ARG B 80 16.21 -4.52 -14.36
C ARG B 80 15.64 -3.35 -13.49
N ARG B 81 16.44 -2.93 -12.49
CA ARG B 81 16.05 -1.86 -11.53
C ARG B 81 16.55 -0.48 -11.99
N TYR B 82 15.93 0.60 -11.46
CA TYR B 82 16.37 2.01 -11.71
C TYR B 82 17.21 2.65 -10.55
N TYR B 83 17.67 1.81 -9.62
CA TYR B 83 18.51 2.21 -8.46
C TYR B 83 19.60 1.14 -8.24
N GLY B 84 20.81 1.57 -7.81
CA GLY B 84 21.87 0.64 -7.38
C GLY B 84 21.59 0.00 -6.01
N GLY B 85 22.38 -0.99 -5.60
CA GLY B 85 22.24 -1.64 -4.29
C GLY B 85 21.11 -2.66 -4.05
N CYS B 86 20.45 -3.15 -5.14
CA CYS B 86 19.29 -4.03 -4.98
C CYS B 86 19.60 -5.54 -4.96
N GLU B 87 20.87 -5.95 -4.76
CA GLU B 87 21.20 -7.40 -4.83
C GLU B 87 20.40 -8.31 -3.88
N HIS B 88 20.18 -7.91 -2.63
CA HIS B 88 19.46 -8.78 -1.65
C HIS B 88 17.92 -8.71 -1.87
N VAL B 89 17.39 -7.50 -2.11
CA VAL B 89 15.94 -7.39 -2.38
C VAL B 89 15.51 -8.08 -3.68
N ASP B 90 16.43 -8.21 -4.66
CA ASP B 90 16.15 -9.03 -5.88
C ASP B 90 15.97 -10.52 -5.54
N VAL B 91 16.79 -11.09 -4.64
CA VAL B 91 16.56 -12.48 -4.19
C VAL B 91 15.21 -12.64 -3.44
N VAL B 92 14.88 -11.66 -2.58
CA VAL B 92 13.61 -11.70 -1.84
C VAL B 92 12.39 -11.73 -2.82
N GLU B 93 12.41 -10.81 -3.79
CA GLU B 93 11.30 -10.71 -4.78
C GLU B 93 11.18 -12.01 -5.64
N ASN B 94 12.32 -12.59 -6.02
CA ASN B 94 12.29 -13.87 -6.79
C ASN B 94 11.79 -15.08 -5.93
N LEU B 95 12.07 -15.11 -4.61
CA LEU B 95 11.49 -16.18 -3.73
C LEU B 95 9.94 -16.03 -3.71
N ALA B 96 9.45 -14.79 -3.58
CA ALA B 96 7.99 -14.61 -3.59
C ALA B 96 7.31 -15.00 -4.93
N ARG B 97 7.93 -14.60 -6.05
CA ARG B 97 7.43 -14.94 -7.40
C ARG B 97 7.44 -16.47 -7.63
N ASP B 98 8.57 -17.13 -7.29
CA ASP B 98 8.73 -18.58 -7.54
C ASP B 98 7.77 -19.42 -6.67
N ARG B 99 7.59 -19.03 -5.41
CA ARG B 99 6.66 -19.72 -4.47
C ARG B 99 5.20 -19.54 -4.91
N ALA B 100 4.83 -18.34 -5.40
CA ALA B 100 3.47 -18.12 -5.93
C ALA B 100 3.19 -18.98 -7.17
N LYS B 101 4.14 -19.01 -8.12
CA LYS B 101 3.98 -19.86 -9.33
CA LYS B 101 4.00 -19.85 -9.33
C LYS B 101 3.84 -21.35 -8.97
N ALA B 102 4.68 -21.85 -8.07
CA ALA B 102 4.61 -23.27 -7.65
C ALA B 102 3.32 -23.66 -6.86
N LEU B 103 2.92 -22.79 -5.92
CA LEU B 103 1.77 -23.05 -5.06
C LEU B 103 0.47 -23.13 -5.88
N PHE B 104 0.30 -22.21 -6.82
CA PHE B 104 -0.93 -22.09 -7.61
C PHE B 104 -0.82 -22.71 -9.02
N GLY B 105 0.36 -23.19 -9.42
CA GLY B 105 0.52 -23.81 -10.77
C GLY B 105 0.42 -22.86 -11.96
N ALA B 106 0.85 -21.63 -11.73
CA ALA B 106 0.69 -20.53 -12.72
C ALA B 106 1.98 -20.24 -13.53
N GLU B 107 1.86 -19.68 -14.73
CA GLU B 107 3.01 -19.44 -15.65
C GLU B 107 3.86 -18.22 -15.29
N PHE B 108 3.24 -17.14 -14.76
CA PHE B 108 4.00 -15.93 -14.29
C PHE B 108 3.32 -15.40 -12.99
N ALA B 109 4.08 -14.60 -12.23
CA ALA B 109 3.54 -13.84 -11.07
C ALA B 109 4.14 -12.40 -11.05
N ASN B 110 3.31 -11.44 -10.59
CA ASN B 110 3.79 -10.09 -10.19
C ASN B 110 3.37 -9.87 -8.72
N VAL B 111 4.38 -9.64 -7.86
CA VAL B 111 4.20 -9.57 -6.40
C VAL B 111 4.25 -8.12 -5.82
N GLN B 112 4.23 -7.12 -6.72
CA GLN B 112 4.28 -5.68 -6.31
C GLN B 112 2.93 -4.98 -5.91
N PRO B 113 1.74 -5.44 -6.36
CA PRO B 113 0.53 -4.60 -6.01
C PRO B 113 0.35 -4.26 -4.51
N HIS B 114 0.08 -2.97 -4.22
CA HIS B 114 -0.06 -2.50 -2.83
C HIS B 114 -1.29 -3.03 -2.08
N SER B 115 -2.31 -3.54 -2.79
CA SER B 115 -3.61 -3.94 -2.19
C SER B 115 -4.41 -4.80 -3.24
N GLY B 116 -5.56 -5.31 -2.81
CA GLY B 116 -6.49 -6.03 -3.75
C GLY B 116 -7.02 -5.06 -4.84
N ALA B 117 -7.37 -3.82 -4.41
CA ALA B 117 -7.89 -2.82 -5.33
C ALA B 117 -6.84 -2.42 -6.39
N GLN B 118 -5.58 -2.21 -5.95
CA GLN B 118 -4.45 -1.89 -6.82
C GLN B 118 -4.08 -3.02 -7.79
N ALA B 119 -4.24 -4.28 -7.37
CA ALA B 119 -4.09 -5.40 -8.31
C ALA B 119 -5.15 -5.33 -9.46
N ASN B 120 -6.41 -5.06 -9.09
CA ASN B 120 -7.49 -4.98 -10.13
C ASN B 120 -7.32 -3.74 -11.06
N ALA B 121 -6.86 -2.59 -10.52
CA ALA B 121 -6.60 -1.42 -11.35
C ALA B 121 -5.54 -1.71 -12.45
N ALA B 122 -4.47 -2.42 -12.06
CA ALA B 122 -3.43 -2.80 -13.02
C ALA B 122 -3.92 -3.83 -14.08
N VAL B 123 -4.68 -4.85 -13.64
CA VAL B 123 -5.28 -5.79 -14.61
C VAL B 123 -6.12 -5.09 -15.72
N LEU B 124 -7.00 -4.16 -15.32
CA LEU B 124 -7.89 -3.46 -16.26
C LEU B 124 -7.07 -2.51 -17.17
N HIS B 125 -6.07 -1.80 -16.61
CA HIS B 125 -5.07 -1.02 -17.39
C HIS B 125 -4.41 -1.88 -18.51
N ALA B 126 -4.03 -3.11 -18.17
CA ALA B 126 -3.34 -3.99 -19.13
C ALA B 126 -4.25 -4.53 -20.24
N LEU B 127 -5.51 -4.83 -19.90
CA LEU B 127 -6.39 -5.61 -20.82
C LEU B 127 -7.43 -4.76 -21.59
N MET B 128 -7.70 -3.54 -21.13
CA MET B 128 -8.65 -2.70 -21.84
CA MET B 128 -8.79 -2.62 -21.60
C MET B 128 -8.27 -1.21 -21.87
N SER B 129 -9.05 -0.44 -22.64
CA SER B 129 -8.88 1.03 -22.79
C SER B 129 -10.14 1.74 -22.25
N PRO B 130 -10.03 3.02 -21.81
CA PRO B 130 -11.22 3.74 -21.35
C PRO B 130 -12.39 3.75 -22.37
N GLY B 131 -13.61 3.58 -21.89
CA GLY B 131 -14.80 3.50 -22.74
C GLY B 131 -15.21 2.12 -23.21
N GLU B 132 -14.30 1.15 -23.03
CA GLU B 132 -14.56 -0.25 -23.42
C GLU B 132 -15.45 -0.92 -22.35
N ARG B 133 -16.00 -2.09 -22.69
CA ARG B 133 -17.08 -2.74 -21.94
C ARG B 133 -16.59 -3.81 -20.90
N LEU B 134 -17.06 -3.67 -19.64
CA LEU B 134 -16.73 -4.56 -18.47
C LEU B 134 -18.00 -5.25 -17.90
N LEU B 135 -17.99 -6.57 -17.72
CA LEU B 135 -19.11 -7.34 -17.16
C LEU B 135 -18.71 -7.98 -15.81
N GLY B 136 -19.46 -7.71 -14.75
CA GLY B 136 -19.15 -8.23 -13.36
C GLY B 136 -20.40 -8.53 -12.54
N LEU B 137 -20.26 -9.23 -11.38
CA LEU B 137 -21.35 -9.44 -10.40
C LEU B 137 -21.75 -8.13 -9.70
N ASP B 138 -23.03 -7.77 -9.73
CA ASP B 138 -23.66 -6.62 -9.03
CA ASP B 138 -23.39 -6.50 -9.05
C ASP B 138 -23.32 -6.57 -7.51
N LEU B 139 -23.05 -5.39 -6.91
CA LEU B 139 -22.89 -5.22 -5.45
C LEU B 139 -24.08 -5.78 -4.64
N ALA B 140 -25.29 -5.52 -5.14
CA ALA B 140 -26.52 -6.01 -4.50
C ALA B 140 -26.62 -7.51 -4.44
N ASN B 141 -25.89 -8.22 -5.33
CA ASN B 141 -25.88 -9.69 -5.43
CA ASN B 141 -25.89 -9.70 -5.31
C ASN B 141 -24.53 -10.31 -4.93
N GLY B 142 -23.72 -9.54 -4.22
CA GLY B 142 -22.44 -10.03 -3.61
C GLY B 142 -21.12 -9.70 -4.31
N GLY B 143 -21.14 -8.86 -5.33
CA GLY B 143 -19.88 -8.37 -5.99
C GLY B 143 -19.06 -7.38 -5.13
N HIS B 144 -17.86 -7.03 -5.60
CA HIS B 144 -16.96 -6.04 -4.91
C HIS B 144 -17.11 -4.68 -5.60
N LEU B 145 -16.76 -3.57 -4.92
CA LEU B 145 -16.85 -2.21 -5.53
C LEU B 145 -15.91 -2.00 -6.75
N THR B 146 -14.80 -2.77 -6.83
CA THR B 146 -13.88 -2.74 -7.99
C THR B 146 -14.32 -3.58 -9.21
N HIS B 147 -15.57 -4.10 -9.17
CA HIS B 147 -16.19 -4.86 -10.29
C HIS B 147 -17.22 -4.02 -11.10
N GLY B 148 -17.21 -2.71 -10.87
CA GLY B 148 -17.96 -1.69 -11.62
C GLY B 148 -18.81 -0.64 -10.91
N MET B 149 -18.64 -0.47 -9.60
N MET B 149 -18.64 -0.47 -9.60
CA MET B 149 -19.40 0.57 -8.84
CA MET B 149 -19.41 0.57 -8.87
C MET B 149 -19.14 1.96 -9.44
C MET B 149 -19.14 1.96 -9.44
N ARG B 150 -20.23 2.76 -9.57
CA ARG B 150 -20.23 4.06 -10.30
C ARG B 150 -19.13 5.08 -9.94
N LEU B 151 -18.75 5.13 -8.66
CA LEU B 151 -17.80 6.15 -8.19
C LEU B 151 -16.38 5.59 -7.88
N ASN B 152 -16.17 4.31 -8.18
CA ASN B 152 -14.84 3.69 -8.21
C ASN B 152 -14.24 3.81 -9.62
N PHE B 153 -12.92 3.69 -9.79
CA PHE B 153 -12.28 3.66 -11.14
C PHE B 153 -12.99 2.70 -12.12
N SER B 154 -13.46 1.56 -11.63
CA SER B 154 -14.05 0.52 -12.51
C SER B 154 -15.36 0.96 -13.16
N GLY B 155 -16.10 1.87 -12.49
CA GLY B 155 -17.30 2.53 -13.05
C GLY B 155 -17.02 3.86 -13.76
N LYS B 156 -16.07 4.64 -13.25
CA LYS B 156 -15.71 5.95 -13.88
C LYS B 156 -15.10 5.82 -15.28
N LEU B 157 -14.21 4.85 -15.50
CA LEU B 157 -13.44 4.75 -16.75
C LEU B 157 -14.10 3.89 -17.87
N TYR B 158 -14.95 2.95 -17.48
CA TYR B 158 -15.45 1.88 -18.38
C TYR B 158 -16.99 1.86 -18.50
N GLU B 159 -17.50 1.27 -19.60
CA GLU B 159 -18.95 1.06 -19.77
C GLU B 159 -19.37 -0.25 -19.09
N ASN B 160 -20.27 -0.18 -18.11
CA ASN B 160 -20.56 -1.34 -17.22
C ASN B 160 -21.85 -2.11 -17.51
N GLY B 161 -21.76 -3.44 -17.43
CA GLY B 161 -22.91 -4.35 -17.40
C GLY B 161 -22.77 -5.33 -16.23
N PHE B 162 -23.88 -5.89 -15.77
CA PHE B 162 -23.90 -6.74 -14.56
C PHE B 162 -24.71 -8.03 -14.76
N TYR B 163 -24.28 -9.08 -14.03
CA TYR B 163 -25.09 -10.29 -13.81
C TYR B 163 -25.36 -10.46 -12.27
N GLY B 164 -26.28 -11.35 -11.93
CA GLY B 164 -26.78 -11.54 -10.56
C GLY B 164 -26.98 -13.01 -10.19
N VAL B 165 -27.77 -13.25 -9.12
CA VAL B 165 -28.19 -14.60 -8.70
C VAL B 165 -29.71 -14.78 -8.90
N ASP B 166 -30.13 -16.03 -9.04
CA ASP B 166 -31.55 -16.38 -9.29
C ASP B 166 -32.39 -16.10 -8.03
N PRO B 167 -33.57 -15.44 -8.18
CA PRO B 167 -34.39 -15.08 -7.00
C PRO B 167 -34.95 -16.24 -6.17
N ALA B 168 -35.05 -17.43 -6.77
CA ALA B 168 -35.53 -18.63 -6.10
C ALA B 168 -34.42 -19.48 -5.45
N THR B 169 -33.37 -19.80 -6.23
CA THR B 169 -32.33 -20.73 -5.79
C THR B 169 -31.17 -20.01 -5.09
N HIS B 170 -31.05 -18.72 -5.36
CA HIS B 170 -29.93 -17.87 -4.85
C HIS B 170 -28.54 -18.19 -5.44
N LEU B 171 -28.50 -18.93 -6.55
CA LEU B 171 -27.25 -19.35 -7.24
C LEU B 171 -27.03 -18.54 -8.52
N ILE B 172 -25.78 -18.43 -8.96
CA ILE B 172 -25.45 -17.88 -10.27
C ILE B 172 -25.92 -18.89 -11.37
N ASP B 173 -26.76 -18.43 -12.28
CA ASP B 173 -27.33 -19.23 -13.40
C ASP B 173 -26.49 -18.94 -14.67
N MET B 174 -25.65 -19.90 -15.07
CA MET B 174 -24.70 -19.69 -16.20
C MET B 174 -25.39 -19.57 -17.58
N ASP B 175 -26.59 -20.14 -17.74
CA ASP B 175 -27.41 -19.84 -18.94
C ASP B 175 -27.82 -18.35 -19.01
N ALA B 176 -28.15 -17.73 -17.87
CA ALA B 176 -28.44 -16.28 -17.83
C ALA B 176 -27.16 -15.42 -18.03
N VAL B 177 -26.03 -15.86 -17.47
CA VAL B 177 -24.75 -15.14 -17.68
C VAL B 177 -24.39 -15.16 -19.17
N ARG B 178 -24.55 -16.33 -19.82
CA ARG B 178 -24.30 -16.45 -21.28
CA ARG B 178 -24.26 -16.44 -21.27
C ARG B 178 -25.17 -15.51 -22.13
N ALA B 179 -26.48 -15.47 -21.86
CA ALA B 179 -27.41 -14.59 -22.61
C ALA B 179 -26.99 -13.10 -22.48
N THR B 180 -26.65 -12.68 -21.26
CA THR B 180 -26.19 -11.29 -21.05
C THR B 180 -24.88 -11.00 -21.81
N ALA B 181 -23.92 -11.92 -21.80
CA ALA B 181 -22.63 -11.73 -22.50
C ALA B 181 -22.79 -11.67 -24.04
N LEU B 182 -23.69 -12.49 -24.59
CA LEU B 182 -23.99 -12.42 -26.04
C LEU B 182 -24.60 -11.08 -26.48
N GLU B 183 -25.44 -10.49 -25.65
CA GLU B 183 -26.04 -9.19 -25.94
C GLU B 183 -25.07 -8.01 -25.77
N PHE B 184 -24.34 -8.01 -24.63
CA PHE B 184 -23.50 -6.85 -24.22
C PHE B 184 -22.13 -6.83 -24.92
N ARG B 185 -21.61 -7.99 -25.30
CA ARG B 185 -20.28 -8.15 -25.95
C ARG B 185 -19.12 -7.43 -25.20
N PRO B 186 -18.87 -7.87 -23.95
CA PRO B 186 -17.81 -7.22 -23.14
C PRO B 186 -16.38 -7.48 -23.64
N LYS B 187 -15.42 -6.57 -23.35
CA LYS B 187 -14.00 -6.79 -23.59
C LYS B 187 -13.37 -7.69 -22.48
N VAL B 188 -13.86 -7.55 -21.24
CA VAL B 188 -13.37 -8.31 -20.05
C VAL B 188 -14.59 -8.77 -19.25
N ILE B 189 -14.62 -10.07 -18.88
CA ILE B 189 -15.56 -10.63 -17.89
C ILE B 189 -14.79 -10.91 -16.56
N ILE B 190 -15.36 -10.43 -15.42
CA ILE B 190 -14.87 -10.79 -14.05
C ILE B 190 -15.76 -11.89 -13.43
N ALA B 191 -15.14 -13.01 -13.02
CA ALA B 191 -15.72 -14.04 -12.13
C ALA B 191 -15.09 -13.85 -10.73
N GLY B 192 -15.91 -13.67 -9.70
CA GLY B 192 -15.42 -13.39 -8.33
C GLY B 192 -16.45 -12.66 -7.49
N TRP B 193 -16.21 -12.62 -6.17
CA TRP B 193 -17.22 -12.18 -5.20
C TRP B 193 -16.61 -11.75 -3.84
N SER B 194 -17.40 -10.95 -3.11
CA SER B 194 -17.18 -10.68 -1.68
C SER B 194 -18.17 -11.37 -0.72
N ALA B 195 -19.36 -11.75 -1.23
CA ALA B 195 -20.40 -12.43 -0.43
C ALA B 195 -21.28 -13.41 -1.27
N TYR B 196 -20.81 -14.64 -1.48
CA TYR B 196 -21.53 -15.70 -2.24
C TYR B 196 -21.18 -17.01 -1.55
N PRO B 197 -22.17 -17.90 -1.33
CA PRO B 197 -21.88 -19.06 -0.45
C PRO B 197 -21.58 -20.42 -1.13
N ARG B 198 -21.36 -20.41 -2.45
CA ARG B 198 -21.20 -21.64 -3.25
C ARG B 198 -19.97 -21.56 -4.20
N VAL B 199 -19.71 -22.64 -4.94
CA VAL B 199 -18.52 -22.78 -5.81
C VAL B 199 -18.81 -22.29 -7.27
N LEU B 200 -18.02 -21.32 -7.76
CA LEU B 200 -18.10 -20.85 -9.18
C LEU B 200 -17.71 -21.94 -10.19
N ASP B 201 -18.44 -21.98 -11.33
CA ASP B 201 -18.10 -22.91 -12.45
C ASP B 201 -17.13 -22.27 -13.47
N PHE B 202 -15.84 -22.43 -13.20
CA PHE B 202 -14.79 -21.76 -14.01
C PHE B 202 -14.74 -22.23 -15.50
N ALA B 203 -15.05 -23.50 -15.74
CA ALA B 203 -15.08 -24.05 -17.10
C ALA B 203 -16.17 -23.42 -17.95
N ALA B 204 -17.36 -23.17 -17.38
CA ALA B 204 -18.44 -22.41 -18.03
C ALA B 204 -18.06 -20.95 -18.30
N PHE B 205 -17.41 -20.26 -17.34
CA PHE B 205 -16.92 -18.88 -17.62
C PHE B 205 -15.93 -18.80 -18.84
N ARG B 206 -15.02 -19.78 -18.93
CA ARG B 206 -14.06 -19.89 -20.05
CA ARG B 206 -14.07 -19.92 -20.05
C ARG B 206 -14.80 -20.09 -21.37
N SER B 207 -15.79 -21.00 -21.41
CA SER B 207 -16.60 -21.21 -22.62
C SER B 207 -17.30 -19.94 -23.12
N ILE B 208 -17.94 -19.19 -22.20
CA ILE B 208 -18.60 -17.93 -22.54
C ILE B 208 -17.59 -16.86 -23.06
N ALA B 209 -16.49 -16.69 -22.33
CA ALA B 209 -15.44 -15.75 -22.76
C ALA B 209 -14.93 -16.09 -24.20
N ASP B 210 -14.64 -17.38 -24.46
CA ASP B 210 -14.17 -17.85 -25.80
C ASP B 210 -15.25 -17.60 -26.90
N GLU B 211 -16.53 -17.80 -26.57
CA GLU B 211 -17.66 -17.54 -27.52
C GLU B 211 -17.75 -16.10 -27.99
N VAL B 212 -17.63 -15.15 -27.06
CA VAL B 212 -17.79 -13.72 -27.38
C VAL B 212 -16.44 -12.99 -27.60
N GLY B 213 -15.30 -13.68 -27.53
CA GLY B 213 -14.00 -13.03 -27.74
C GLY B 213 -13.58 -12.04 -26.62
N ALA B 214 -13.96 -12.37 -25.39
CA ALA B 214 -13.56 -11.59 -24.19
C ALA B 214 -12.37 -12.19 -23.48
N LYS B 215 -11.66 -11.34 -22.70
CA LYS B 215 -10.67 -11.88 -21.74
C LYS B 215 -11.37 -12.21 -20.39
N LEU B 216 -10.83 -13.20 -19.68
CA LEU B 216 -11.40 -13.68 -18.39
C LEU B 216 -10.43 -13.41 -17.21
N LEU B 217 -10.89 -12.52 -16.30
CA LEU B 217 -10.23 -12.22 -14.99
C LEU B 217 -11.00 -12.96 -13.89
N VAL B 218 -10.32 -13.83 -13.13
CA VAL B 218 -10.85 -14.32 -11.85
C VAL B 218 -10.24 -13.55 -10.64
N ASP B 219 -11.10 -12.91 -9.83
CA ASP B 219 -10.71 -12.24 -8.56
C ASP B 219 -11.01 -13.21 -7.39
N MET B 220 -9.97 -13.92 -6.94
CA MET B 220 -10.08 -14.96 -5.90
C MET B 220 -9.77 -14.49 -4.47
N ALA B 221 -9.77 -13.17 -4.23
CA ALA B 221 -9.37 -12.61 -2.90
C ALA B 221 -9.99 -13.37 -1.71
N HIS B 222 -11.32 -13.61 -1.70
CA HIS B 222 -11.93 -14.23 -0.54
C HIS B 222 -11.51 -15.70 -0.34
N PHE B 223 -11.36 -16.45 -1.44
CA PHE B 223 -11.21 -17.95 -1.38
C PHE B 223 -9.78 -18.49 -1.72
N ALA B 224 -8.76 -17.60 -1.82
CA ALA B 224 -7.41 -18.02 -2.22
C ALA B 224 -6.77 -19.06 -1.29
N GLY B 225 -7.01 -18.94 0.01
CA GLY B 225 -6.44 -19.93 0.97
C GLY B 225 -7.08 -21.31 0.86
N LEU B 226 -8.37 -21.39 0.53
CA LEU B 226 -9.05 -22.66 0.21
C LEU B 226 -8.44 -23.33 -1.06
N VAL B 227 -8.19 -22.53 -2.13
CA VAL B 227 -7.50 -23.02 -3.32
C VAL B 227 -6.09 -23.56 -3.00
N ALA B 228 -5.30 -22.80 -2.22
CA ALA B 228 -3.92 -23.19 -1.84
C ALA B 228 -3.88 -24.59 -1.19
N ALA B 229 -4.90 -24.87 -0.36
CA ALA B 229 -5.03 -26.17 0.38
C ALA B 229 -5.67 -27.32 -0.42
N GLY B 230 -6.07 -27.09 -1.67
CA GLY B 230 -6.80 -28.09 -2.48
C GLY B 230 -8.28 -28.34 -2.15
N LEU B 231 -8.91 -27.41 -1.42
CA LEU B 231 -10.27 -27.57 -0.89
C LEU B 231 -11.38 -26.70 -1.59
N HIS B 232 -10.98 -25.94 -2.64
CA HIS B 232 -11.90 -25.22 -3.59
C HIS B 232 -11.25 -25.42 -4.96
N PRO B 233 -12.05 -25.74 -6.02
CA PRO B 233 -11.42 -25.94 -7.35
C PRO B 233 -10.61 -24.68 -7.81
N SER B 234 -9.46 -24.87 -8.48
CA SER B 234 -8.59 -23.77 -8.89
C SER B 234 -9.10 -23.04 -10.16
N PRO B 235 -9.04 -21.67 -10.16
CA PRO B 235 -9.31 -20.94 -11.40
C PRO B 235 -8.13 -20.88 -12.38
N VAL B 236 -6.93 -21.24 -11.91
CA VAL B 236 -5.70 -21.01 -12.71
C VAL B 236 -5.66 -21.72 -14.11
N PRO B 237 -6.13 -23.00 -14.21
CA PRO B 237 -6.19 -23.61 -15.56
C PRO B 237 -7.15 -22.94 -16.58
N HIS B 238 -8.13 -22.21 -16.07
CA HIS B 238 -9.26 -21.64 -16.85
C HIS B 238 -9.16 -20.14 -17.16
N ALA B 239 -8.44 -19.38 -16.34
CA ALA B 239 -8.41 -17.89 -16.43
C ALA B 239 -7.23 -17.38 -17.27
N ASP B 240 -7.41 -16.22 -17.94
CA ASP B 240 -6.26 -15.51 -18.55
C ASP B 240 -5.31 -14.92 -17.46
N VAL B 241 -5.93 -14.25 -16.47
CA VAL B 241 -5.26 -13.59 -15.34
C VAL B 241 -6.09 -13.81 -14.05
N VAL B 242 -5.40 -13.93 -12.89
CA VAL B 242 -5.99 -14.13 -11.55
C VAL B 242 -5.41 -13.08 -10.56
N SER B 243 -6.32 -12.28 -9.95
CA SER B 243 -5.96 -11.31 -8.89
C SER B 243 -6.35 -11.83 -7.50
N THR B 244 -5.61 -11.36 -6.47
CA THR B 244 -5.97 -11.68 -5.07
C THR B 244 -5.36 -10.70 -4.06
N THR B 245 -5.95 -10.65 -2.87
CA THR B 245 -5.34 -10.13 -1.64
C THR B 245 -4.44 -11.25 -1.06
N VAL B 246 -3.38 -10.84 -0.35
CA VAL B 246 -2.54 -11.84 0.43
C VAL B 246 -3.12 -12.03 1.86
N HIS B 247 -3.78 -11.01 2.40
CA HIS B 247 -4.70 -11.12 3.55
C HIS B 247 -6.03 -11.85 3.13
N1 LLP B 248 -11.59 -7.95 -4.53
C2 LLP B 248 -12.33 -8.68 -3.68
C2' LLP B 248 -13.18 -9.78 -4.30
C3 LLP B 248 -12.33 -8.46 -2.31
O3 LLP B 248 -13.08 -9.14 -1.51
C4 LLP B 248 -11.53 -7.41 -1.79
C4' LLP B 248 -11.57 -7.21 -0.27
C5 LLP B 248 -10.78 -6.58 -2.68
C6 LLP B 248 -10.81 -6.88 -4.04
C5' LLP B 248 -9.96 -5.36 -2.27
OP4 LLP B 248 -8.81 -5.49 -1.48
P LLP B 248 -8.20 -4.23 -0.65
OP1 LLP B 248 -9.24 -3.86 0.37
OP2 LLP B 248 -6.95 -4.84 -0.05
OP3 LLP B 248 -7.99 -3.11 -1.61
N LLP B 248 -7.02 -11.94 4.01
CA LLP B 248 -8.24 -12.74 3.85
CB LLP B 248 -9.11 -12.40 2.61
CG LLP B 248 -9.46 -10.88 2.51
CD LLP B 248 -10.50 -10.49 1.38
CE LLP B 248 -10.59 -8.96 1.20
NZ LLP B 248 -11.73 -8.40 0.41
C LLP B 248 -7.87 -14.25 4.07
O LLP B 248 -7.01 -14.53 4.94
N THR B 249 -8.49 -15.23 3.40
CA THR B 249 -8.22 -16.66 3.76
C THR B 249 -6.73 -17.08 3.53
N LEU B 250 -5.99 -16.46 2.62
CA LEU B 250 -4.56 -16.79 2.43
C LEU B 250 -3.72 -16.54 3.70
N GLY B 251 -4.16 -15.66 4.60
CA GLY B 251 -3.61 -15.52 5.94
C GLY B 251 -2.35 -14.68 6.11
N GLY B 252 -1.99 -13.87 5.10
CA GLY B 252 -0.81 -12.99 5.18
C GLY B 252 -1.09 -11.51 5.46
N GLY B 253 -0.04 -10.71 5.27
CA GLY B 253 -0.05 -9.25 5.50
C GLY B 253 -0.79 -8.47 4.42
N ARG B 254 -1.31 -7.30 4.78
CA ARG B 254 -2.27 -6.51 3.97
C ARG B 254 -1.61 -5.97 2.68
N SER B 255 -2.07 -6.50 1.52
CA SER B 255 -1.36 -6.37 0.21
C SER B 255 -2.05 -7.13 -0.94
N GLY B 256 -1.58 -6.93 -2.19
CA GLY B 256 -2.08 -7.68 -3.36
C GLY B 256 -1.07 -8.54 -4.11
N LEU B 257 -1.60 -9.31 -5.09
CA LEU B 257 -0.79 -10.27 -5.90
C LEU B 257 -1.55 -10.56 -7.22
N ILE B 258 -0.78 -10.78 -8.30
CA ILE B 258 -1.31 -11.23 -9.61
C ILE B 258 -0.54 -12.47 -10.12
N VAL B 259 -1.29 -13.47 -10.63
CA VAL B 259 -0.67 -14.62 -11.34
C VAL B 259 -1.44 -14.87 -12.65
N GLY B 260 -0.84 -15.57 -13.64
CA GLY B 260 -1.61 -15.88 -14.87
C GLY B 260 -0.77 -16.55 -15.98
N LYS B 261 -1.35 -16.54 -17.20
CA LYS B 261 -0.69 -17.12 -18.38
CA LYS B 261 -0.69 -17.11 -18.40
C LYS B 261 0.46 -16.22 -18.89
N GLN B 262 1.55 -16.84 -19.40
CA GLN B 262 2.74 -16.09 -19.91
C GLN B 262 2.43 -15.11 -21.08
N GLN B 263 1.42 -15.46 -21.90
CA GLN B 263 0.86 -14.58 -22.95
C GLN B 263 0.65 -13.11 -22.46
N TYR B 264 0.20 -12.98 -21.21
CA TYR B 264 -0.14 -11.67 -20.61
C TYR B 264 0.95 -11.04 -19.69
N ALA B 265 2.11 -11.69 -19.52
CA ALA B 265 3.14 -11.22 -18.57
C ALA B 265 3.67 -9.84 -18.89
N LYS B 266 4.04 -9.56 -20.16
CA LYS B 266 4.70 -8.30 -20.48
C LYS B 266 3.73 -7.10 -20.23
N ALA B 267 2.47 -7.26 -20.65
CA ALA B 267 1.44 -6.20 -20.45
C ALA B 267 1.12 -5.96 -18.96
N ILE B 268 1.00 -7.05 -18.18
CA ILE B 268 0.68 -6.91 -16.74
C ILE B 268 1.85 -6.26 -15.98
N ASN B 269 3.08 -6.72 -16.21
CA ASN B 269 4.28 -6.09 -15.57
C ASN B 269 4.33 -4.56 -15.85
N SER B 270 4.17 -4.16 -17.13
CA SER B 270 4.18 -2.74 -17.54
CA SER B 270 4.20 -2.72 -17.50
C SER B 270 3.03 -1.94 -16.88
N ALA B 271 1.86 -2.57 -16.72
CA ALA B 271 0.69 -1.93 -16.07
C ALA B 271 0.91 -1.63 -14.55
N VAL B 272 1.61 -2.54 -13.84
CA VAL B 272 1.95 -2.32 -12.39
C VAL B 272 2.98 -1.14 -12.28
N PHE B 273 4.05 -1.19 -13.04
CA PHE B 273 5.05 -0.13 -13.09
C PHE B 273 5.59 -0.03 -14.52
N PRO B 274 5.52 1.16 -15.18
CA PRO B 274 5.12 2.51 -14.66
C PRO B 274 3.65 2.88 -14.83
N GLY B 275 2.77 1.93 -15.15
CA GLY B 275 1.36 2.21 -15.39
C GLY B 275 0.59 2.83 -14.23
N GLN B 276 0.68 2.18 -13.05
CA GLN B 276 -0.14 2.51 -11.86
C GLN B 276 0.67 2.98 -10.64
N GLN B 277 1.78 2.30 -10.34
CA GLN B 277 2.58 2.51 -9.12
C GLN B 277 3.96 3.12 -9.40
N GLY B 278 4.60 3.61 -8.33
CA GLY B 278 6.03 3.94 -8.27
C GLY B 278 6.88 2.88 -7.53
N GLY B 279 7.59 3.25 -6.44
CA GLY B 279 8.38 2.25 -5.67
C GLY B 279 7.52 1.19 -4.98
N PRO B 280 7.91 -0.11 -5.02
CA PRO B 280 7.22 -1.20 -4.27
C PRO B 280 7.60 -1.23 -2.76
N LEU B 281 6.74 -1.82 -1.93
CA LEU B 281 7.01 -1.97 -0.48
C LEU B 281 7.82 -3.27 -0.20
N MET B 282 9.16 -3.18 -0.17
CA MET B 282 10.01 -4.40 -0.11
C MET B 282 9.90 -5.19 1.20
N HIS B 283 9.64 -4.49 2.33
CA HIS B 283 9.36 -5.12 3.64
C HIS B 283 8.05 -6.00 3.58
N VAL B 284 6.99 -5.45 2.96
CA VAL B 284 5.74 -6.19 2.78
C VAL B 284 5.92 -7.40 1.80
N ILE B 285 6.71 -7.21 0.73
CA ILE B 285 7.03 -8.33 -0.22
C ILE B 285 7.82 -9.50 0.50
N ALA B 286 8.73 -9.16 1.41
CA ALA B 286 9.37 -10.21 2.26
C ALA B 286 8.33 -11.03 3.04
N GLY B 287 7.32 -10.36 3.63
CA GLY B 287 6.23 -10.99 4.33
C GLY B 287 5.32 -11.85 3.40
N LYS B 288 5.19 -11.45 2.12
CA LYS B 288 4.45 -12.28 1.13
C LYS B 288 5.16 -13.65 0.93
N ALA B 289 6.48 -13.62 0.80
CA ALA B 289 7.28 -14.85 0.66
C ALA B 289 7.06 -15.78 1.86
N VAL B 290 7.04 -15.22 3.07
CA VAL B 290 6.76 -16.00 4.33
C VAL B 290 5.35 -16.65 4.30
N ALA B 291 4.31 -15.88 3.95
CA ALA B 291 2.94 -16.37 3.93
C ALA B 291 2.70 -17.47 2.87
N LEU B 292 3.37 -17.34 1.71
CA LEU B 292 3.32 -18.37 0.66
C LEU B 292 4.00 -19.73 1.10
N LYS B 293 5.12 -19.65 1.83
CA LYS B 293 5.75 -20.89 2.43
C LYS B 293 4.79 -21.59 3.44
N ILE B 294 4.19 -20.82 4.36
CA ILE B 294 3.22 -21.38 5.33
C ILE B 294 2.04 -22.03 4.62
N ALA B 295 1.56 -21.41 3.54
CA ALA B 295 0.36 -21.89 2.82
C ALA B 295 0.47 -23.24 2.10
N ALA B 296 1.72 -23.72 1.89
CA ALA B 296 2.00 -25.07 1.29
C ALA B 296 2.05 -26.21 2.34
N THR B 297 2.05 -25.86 3.63
CA THR B 297 2.25 -26.86 4.73
C THR B 297 0.99 -27.69 5.12
N PRO B 298 1.19 -28.93 5.64
CA PRO B 298 0.04 -29.69 6.20
C PRO B 298 -0.73 -28.98 7.34
N GLU B 299 -0.04 -28.22 8.19
CA GLU B 299 -0.69 -27.44 9.28
C GLU B 299 -1.74 -26.47 8.68
N PHE B 300 -1.33 -25.78 7.62
CA PHE B 300 -2.25 -24.83 6.94
C PHE B 300 -3.44 -25.51 6.30
N ALA B 301 -3.24 -26.69 5.69
CA ALA B 301 -4.34 -27.45 5.11
C ALA B 301 -5.36 -27.88 6.18
N ASP B 302 -4.88 -28.33 7.36
CA ASP B 302 -5.77 -28.65 8.50
C ASP B 302 -6.59 -27.43 8.93
N ARG B 303 -5.96 -26.25 8.96
CA ARG B 303 -6.66 -24.97 9.33
C ARG B 303 -7.81 -24.65 8.35
N GLN B 304 -7.58 -24.86 7.06
CA GLN B 304 -8.64 -24.69 6.04
C GLN B 304 -9.73 -25.75 6.16
N ARG B 305 -9.36 -27.00 6.47
CA ARG B 305 -10.41 -28.00 6.74
C ARG B 305 -11.35 -27.59 7.92
N ARG B 306 -10.75 -27.09 9.01
CA ARG B 306 -11.50 -26.60 10.19
C ARG B 306 -12.38 -25.34 9.86
N THR B 307 -11.86 -24.44 9.03
CA THR B 307 -12.63 -23.27 8.51
C THR B 307 -13.93 -23.76 7.80
N LEU B 308 -13.82 -24.74 6.91
CA LEU B 308 -14.97 -25.22 6.13
C LEU B 308 -15.98 -26.00 6.99
N SER B 309 -15.48 -26.90 7.86
CA SER B 309 -16.34 -27.70 8.73
CA SER B 309 -16.39 -27.69 8.69
C SER B 309 -17.10 -26.82 9.74
N GLY B 310 -16.43 -25.79 10.25
CA GLY B 310 -17.06 -24.81 11.16
C GLY B 310 -18.21 -24.03 10.52
N ALA B 311 -18.02 -23.59 9.27
CA ALA B 311 -19.10 -22.90 8.57
C ALA B 311 -20.34 -23.80 8.32
N ARG B 312 -20.12 -25.08 7.93
CA ARG B 312 -21.23 -26.04 7.78
C ARG B 312 -21.97 -26.25 9.13
N ILE B 313 -21.24 -26.29 10.24
CA ILE B 313 -21.89 -26.40 11.59
C ILE B 313 -22.81 -25.21 11.95
N ILE B 314 -22.36 -23.98 11.62
CA ILE B 314 -23.16 -22.79 11.86
C ILE B 314 -24.43 -22.78 10.99
N ALA B 315 -24.29 -23.11 9.71
CA ALA B 315 -25.45 -23.19 8.81
C ALA B 315 -26.50 -24.24 9.29
N ASP B 316 -26.01 -25.41 9.72
CA ASP B 316 -26.91 -26.51 10.18
C ASP B 316 -27.71 -26.14 11.45
N ARG B 317 -27.04 -25.46 12.39
CA ARG B 317 -27.69 -24.98 13.64
C ARG B 317 -28.77 -23.93 13.35
N LEU B 318 -28.52 -23.03 12.38
CA LEU B 318 -29.49 -22.00 12.00
C LEU B 318 -30.71 -22.57 11.25
N MET B 319 -30.53 -23.71 10.60
CA MET B 319 -31.63 -24.41 9.91
C MET B 319 -32.29 -25.40 10.87
N ALA B 320 -33.06 -24.84 11.80
CA ALA B 320 -33.66 -25.62 12.92
C ALA B 320 -34.98 -24.96 13.28
N PRO B 321 -35.89 -25.71 13.94
CA PRO B 321 -37.23 -25.17 14.19
C PRO B 321 -37.34 -23.86 15.01
N ASP B 322 -36.55 -23.72 16.09
CA ASP B 322 -36.55 -22.47 16.90
C ASP B 322 -36.22 -21.19 16.10
N VAL B 323 -35.21 -21.30 15.25
CA VAL B 323 -34.73 -20.15 14.44
C VAL B 323 -35.73 -19.85 13.31
N ALA B 324 -36.22 -20.89 12.65
CA ALA B 324 -37.23 -20.70 11.62
C ALA B 324 -38.50 -20.02 12.12
N LYS B 325 -38.98 -20.45 13.30
CA LYS B 325 -40.19 -19.88 13.92
C LYS B 325 -40.04 -18.40 14.29
N ALA B 326 -38.81 -17.94 14.57
CA ALA B 326 -38.51 -16.51 14.73
C ALA B 326 -38.38 -15.67 13.44
N GLY B 327 -38.55 -16.27 12.25
CA GLY B 327 -38.55 -15.52 10.96
C GLY B 327 -37.17 -15.41 10.28
N VAL B 328 -36.30 -16.39 10.54
CA VAL B 328 -34.90 -16.37 10.03
C VAL B 328 -34.61 -17.60 9.16
N SER B 329 -33.91 -17.40 8.04
CA SER B 329 -33.48 -18.51 7.14
C SER B 329 -32.01 -18.34 6.67
N VAL B 330 -31.46 -19.33 5.98
CA VAL B 330 -30.07 -19.32 5.43
C VAL B 330 -30.12 -19.22 3.88
N VAL B 331 -29.46 -18.19 3.30
CA VAL B 331 -29.42 -17.98 1.83
C VAL B 331 -28.77 -19.19 1.13
N SER B 332 -29.49 -19.73 0.13
CA SER B 332 -29.11 -20.95 -0.65
C SER B 332 -29.29 -22.28 0.10
N GLY B 333 -29.77 -22.21 1.35
CA GLY B 333 -29.97 -23.42 2.17
C GLY B 333 -28.71 -24.15 2.60
N GLY B 334 -27.62 -23.39 2.81
CA GLY B 334 -26.34 -23.97 3.21
C GLY B 334 -25.12 -23.20 2.69
N THR B 335 -23.96 -23.87 2.76
CA THR B 335 -22.67 -23.33 2.29
C THR B 335 -21.66 -24.40 1.89
N ASP B 336 -20.76 -24.05 0.93
CA ASP B 336 -19.58 -24.84 0.58
C ASP B 336 -18.24 -24.10 0.78
N VAL B 337 -18.26 -22.91 1.43
CA VAL B 337 -17.10 -22.02 1.59
C VAL B 337 -16.94 -21.56 3.06
N HIS B 338 -16.12 -20.51 3.32
CA HIS B 338 -15.71 -20.05 4.69
C HIS B 338 -16.72 -19.10 5.40
N LEU B 339 -17.96 -19.05 4.91
CA LEU B 339 -18.97 -18.07 5.41
C LEU B 339 -20.40 -18.60 5.33
N VAL B 340 -21.32 -17.95 6.06
CA VAL B 340 -22.77 -18.21 6.01
C VAL B 340 -23.51 -16.90 5.78
N LEU B 341 -24.46 -16.92 4.84
CA LEU B 341 -25.30 -15.71 4.56
C LEU B 341 -26.71 -15.93 5.18
N VAL B 342 -27.05 -15.09 6.14
CA VAL B 342 -28.31 -15.17 6.94
C VAL B 342 -29.38 -14.19 6.41
N ASP B 343 -30.63 -14.65 6.27
CA ASP B 343 -31.78 -13.80 5.82
C ASP B 343 -32.77 -13.53 6.98
N LEU B 344 -32.90 -12.24 7.35
CA LEU B 344 -33.59 -11.83 8.61
C LEU B 344 -34.97 -11.21 8.44
N ARG B 345 -35.40 -11.06 7.21
CA ARG B 345 -36.48 -10.12 6.88
C ARG B 345 -37.85 -10.41 7.55
N ASP B 346 -38.18 -11.68 7.80
CA ASP B 346 -39.41 -12.01 8.53
C ASP B 346 -39.28 -11.89 10.06
N SER B 347 -38.12 -11.47 10.59
CA SER B 347 -37.92 -11.37 12.05
C SER B 347 -38.05 -9.90 12.50
N PRO B 348 -38.06 -9.63 13.81
CA PRO B 348 -38.04 -8.21 14.27
C PRO B 348 -36.75 -7.43 13.90
N LEU B 349 -35.64 -8.13 13.68
CA LEU B 349 -34.32 -7.46 13.52
C LEU B 349 -34.01 -7.14 12.05
N ASP B 350 -33.65 -5.89 11.73
CA ASP B 350 -32.97 -5.57 10.46
C ASP B 350 -31.46 -5.88 10.60
N GLY B 351 -30.72 -5.83 9.49
CA GLY B 351 -29.27 -6.19 9.52
C GLY B 351 -28.40 -5.39 10.51
N GLN B 352 -28.57 -4.06 10.52
CA GLN B 352 -27.87 -3.22 11.49
C GLN B 352 -28.22 -3.58 12.96
N ALA B 353 -29.50 -3.85 13.23
CA ALA B 353 -29.94 -4.26 14.59
C ALA B 353 -29.31 -5.58 15.06
N ALA B 354 -29.27 -6.56 14.15
CA ALA B 354 -28.70 -7.89 14.43
C ALA B 354 -27.17 -7.78 14.66
N GLU B 355 -26.49 -6.99 13.82
CA GLU B 355 -25.04 -6.69 13.99
C GLU B 355 -24.76 -6.06 15.38
N ASP B 356 -25.58 -5.07 15.77
CA ASP B 356 -25.45 -4.42 17.08
C ASP B 356 -25.71 -5.38 18.28
N LEU B 357 -26.74 -6.22 18.18
CA LEU B 357 -27.04 -7.24 19.24
C LEU B 357 -25.86 -8.22 19.44
N LEU B 358 -25.31 -8.75 18.34
CA LEU B 358 -24.18 -9.69 18.46
C LEU B 358 -22.94 -9.00 19.08
N HIS B 359 -22.71 -7.72 18.81
CA HIS B 359 -21.61 -6.97 19.46
C HIS B 359 -21.78 -6.94 20.99
N GLU B 360 -23.03 -6.83 21.47
CA GLU B 360 -23.37 -6.85 22.92
CA GLU B 360 -23.27 -6.81 22.92
C GLU B 360 -22.98 -8.17 23.58
N VAL B 361 -23.07 -9.27 22.83
CA VAL B 361 -22.73 -10.63 23.34
C VAL B 361 -21.30 -11.11 22.99
N GLY B 362 -20.46 -10.16 22.57
CA GLY B 362 -19.01 -10.38 22.38
C GLY B 362 -18.54 -10.88 20.99
N ILE B 363 -19.44 -10.82 20.00
CA ILE B 363 -19.17 -11.34 18.64
C ILE B 363 -19.25 -10.24 17.52
N THR B 364 -18.18 -10.15 16.72
CA THR B 364 -18.11 -9.18 15.59
C THR B 364 -18.52 -9.83 14.22
N VAL B 365 -19.63 -9.34 13.61
CA VAL B 365 -20.07 -9.73 12.22
C VAL B 365 -20.35 -8.44 11.40
N ASN B 366 -20.85 -8.57 10.15
CA ASN B 366 -21.38 -7.38 9.42
C ASN B 366 -22.71 -7.64 8.71
N ARG B 367 -23.51 -6.56 8.60
CA ARG B 367 -24.77 -6.57 7.84
C ARG B 367 -24.54 -6.82 6.34
N ASN B 368 -25.53 -7.40 5.65
CA ASN B 368 -25.40 -7.85 4.23
C ASN B 368 -26.76 -7.87 3.51
N ALA B 369 -26.82 -7.34 2.29
CA ALA B 369 -28.07 -7.32 1.50
C ALA B 369 -28.47 -8.74 1.03
N VAL B 370 -29.77 -9.04 1.12
CA VAL B 370 -30.36 -10.34 0.68
C VAL B 370 -31.01 -10.19 -0.71
N PRO B 371 -31.30 -11.34 -1.40
CA PRO B 371 -31.95 -11.21 -2.72
C PRO B 371 -33.31 -10.48 -2.68
N ASN B 372 -33.48 -9.48 -3.55
CA ASN B 372 -34.68 -8.63 -3.58
C ASN B 372 -34.99 -8.00 -2.18
N ASP B 373 -33.93 -7.51 -1.52
CA ASP B 373 -34.03 -6.91 -0.17
C ASP B 373 -35.02 -5.72 -0.15
N PRO B 374 -36.03 -5.73 0.76
CA PRO B 374 -36.94 -4.56 0.93
C PRO B 374 -36.38 -3.34 1.68
N ARG B 375 -35.28 -3.53 2.41
CA ARG B 375 -34.64 -2.44 3.16
C ARG B 375 -33.58 -1.70 2.31
N PRO B 376 -33.27 -0.43 2.70
CA PRO B 376 -32.24 0.35 1.99
C PRO B 376 -30.86 -0.31 2.11
N PRO B 377 -29.97 -0.15 1.08
CA PRO B 377 -28.65 -0.82 1.07
C PRO B 377 -27.72 -0.52 2.26
N MET B 378 -27.87 0.63 2.93
CA MET B 378 -27.05 0.94 4.09
C MET B 378 -27.57 0.27 5.39
N VAL B 379 -28.79 -0.29 5.36
CA VAL B 379 -29.38 -0.96 6.54
C VAL B 379 -29.42 -2.50 6.36
N THR B 380 -30.03 -2.93 5.26
CA THR B 380 -30.18 -4.34 4.83
C THR B 380 -31.08 -5.20 5.69
N SER B 381 -31.38 -6.41 5.18
CA SER B 381 -32.09 -7.45 5.93
C SER B 381 -31.30 -8.75 6.12
N GLY B 382 -29.98 -8.68 6.23
CA GLY B 382 -29.17 -9.90 6.37
C GLY B 382 -27.85 -9.71 7.16
N LEU B 383 -27.14 -10.83 7.38
CA LEU B 383 -25.79 -10.88 7.96
C LEU B 383 -24.84 -11.76 7.11
N ARG B 384 -23.55 -11.43 7.15
CA ARG B 384 -22.43 -12.30 6.67
C ARG B 384 -21.60 -12.70 7.88
N ILE B 385 -21.47 -14.01 8.11
CA ILE B 385 -20.75 -14.56 9.29
C ILE B 385 -19.58 -15.46 8.79
N GLY B 386 -18.33 -15.17 9.18
CA GLY B 386 -17.16 -15.94 8.72
C GLY B 386 -16.43 -16.72 9.80
N THR B 387 -15.73 -17.79 9.39
CA THR B 387 -14.91 -18.66 10.27
C THR B 387 -13.32 -18.59 10.14
N PRO B 388 -12.71 -17.94 9.09
CA PRO B 388 -11.21 -17.98 9.05
C PRO B 388 -10.44 -17.49 10.32
N ALA B 389 -10.78 -16.32 10.88
CA ALA B 389 -10.04 -15.74 12.00
C ALA B 389 -10.06 -16.67 13.25
N LEU B 390 -11.22 -17.21 13.58
CA LEU B 390 -11.34 -18.16 14.74
C LEU B 390 -10.63 -19.52 14.47
N ALA B 391 -10.64 -20.02 13.24
CA ALA B 391 -9.84 -21.22 12.90
C ALA B 391 -8.32 -20.95 13.09
N THR B 392 -7.82 -19.81 12.64
CA THR B 392 -6.42 -19.43 12.88
C THR B 392 -6.06 -19.39 14.39
N ARG B 393 -7.02 -18.93 15.20
CA ARG B 393 -6.87 -18.80 16.65
C ARG B 393 -6.89 -20.21 17.32
N GLY B 394 -7.34 -21.23 16.58
CA GLY B 394 -7.28 -22.64 17.04
C GLY B 394 -8.61 -23.37 17.25
N PHE B 395 -9.76 -22.72 16.96
CA PHE B 395 -11.07 -23.37 17.11
C PHE B 395 -11.20 -24.59 16.16
N GLY B 396 -11.80 -25.66 16.67
CA GLY B 396 -12.29 -26.79 15.87
C GLY B 396 -13.79 -27.03 16.07
N ASP B 397 -14.26 -28.22 15.70
CA ASP B 397 -15.70 -28.52 15.63
C ASP B 397 -16.42 -28.29 17.02
N THR B 398 -15.79 -28.68 18.12
CA THR B 398 -16.38 -28.44 19.46
C THR B 398 -16.65 -26.96 19.74
N GLU B 399 -15.66 -26.12 19.44
CA GLU B 399 -15.78 -24.68 19.66
C GLU B 399 -16.78 -24.02 18.68
N PHE B 400 -16.74 -24.41 17.41
CA PHE B 400 -17.72 -23.87 16.46
C PHE B 400 -19.20 -24.28 16.81
N THR B 401 -19.39 -25.45 17.40
CA THR B 401 -20.73 -25.88 17.86
C THR B 401 -21.29 -24.94 18.97
N GLU B 402 -20.41 -24.55 19.89
CA GLU B 402 -20.76 -23.60 20.94
C GLU B 402 -21.05 -22.18 20.39
N VAL B 403 -20.20 -21.63 19.50
CA VAL B 403 -20.48 -20.29 18.97
CA VAL B 403 -20.48 -20.29 18.98
C VAL B 403 -21.76 -20.27 18.14
N ALA B 404 -22.01 -21.32 17.38
CA ALA B 404 -23.24 -21.45 16.61
C ALA B 404 -24.50 -21.37 17.50
N ASP B 405 -24.47 -22.09 18.63
CA ASP B 405 -25.59 -22.03 19.62
C ASP B 405 -25.79 -20.63 20.25
N ILE B 406 -24.69 -19.96 20.61
CA ILE B 406 -24.76 -18.55 21.06
C ILE B 406 -25.50 -17.63 20.05
N ILE B 407 -25.05 -17.65 18.78
CA ILE B 407 -25.68 -16.85 17.70
C ILE B 407 -27.18 -17.19 17.49
N ALA B 408 -27.51 -18.47 17.35
CA ALA B 408 -28.89 -18.92 17.14
C ALA B 408 -29.83 -18.48 18.28
N THR B 409 -29.34 -18.57 19.52
CA THR B 409 -30.12 -18.16 20.71
C THR B 409 -30.38 -16.66 20.70
N ALA B 410 -29.35 -15.85 20.41
CA ALA B 410 -29.53 -14.39 20.29
C ALA B 410 -30.60 -14.00 19.25
N LEU B 411 -30.56 -14.64 18.08
CA LEU B 411 -31.46 -14.28 16.98
C LEU B 411 -32.90 -14.80 17.10
N ALA B 412 -33.11 -15.84 17.91
CA ALA B 412 -34.42 -16.55 18.04
C ALA B 412 -35.26 -16.18 19.29
N THR B 413 -34.66 -15.55 20.29
CA THR B 413 -35.39 -15.37 21.60
C THR B 413 -36.10 -14.01 21.72
N GLY B 414 -35.94 -13.13 20.73
CA GLY B 414 -36.65 -11.86 20.73
C GLY B 414 -36.39 -11.03 21.98
N SER B 415 -37.45 -10.42 22.52
CA SER B 415 -37.33 -9.55 23.71
C SER B 415 -36.94 -10.27 25.00
N SER B 416 -36.95 -11.60 25.00
CA SER B 416 -36.50 -12.39 26.17
C SER B 416 -34.99 -12.73 26.16
N VAL B 417 -34.24 -12.23 25.18
CA VAL B 417 -32.79 -12.54 25.09
C VAL B 417 -32.06 -12.20 26.43
N ASP B 418 -31.18 -13.12 26.86
CA ASP B 418 -30.35 -12.94 28.07
C ASP B 418 -28.92 -12.58 27.65
N VAL B 419 -28.63 -11.28 27.51
CA VAL B 419 -27.32 -10.81 27.00
C VAL B 419 -26.16 -11.21 27.94
N SER B 420 -26.41 -11.15 29.25
CA SER B 420 -25.39 -11.54 30.23
C SER B 420 -24.94 -13.01 30.12
N ALA B 421 -25.90 -13.93 30.00
CA ALA B 421 -25.59 -15.34 29.91
C ALA B 421 -24.81 -15.67 28.60
N LEU B 422 -25.22 -15.01 27.52
CA LEU B 422 -24.57 -15.22 26.19
C LEU B 422 -23.16 -14.63 26.11
N LYS B 423 -22.98 -13.42 26.64
CA LYS B 423 -21.66 -12.79 26.72
C LYS B 423 -20.66 -13.56 27.58
N ASP B 424 -21.11 -14.08 28.72
CA ASP B 424 -20.27 -14.97 29.53
C ASP B 424 -19.80 -16.24 28.76
N ARG B 425 -20.66 -16.84 27.91
CA ARG B 425 -20.27 -18.01 27.13
C ARG B 425 -19.19 -17.66 26.07
N ALA B 426 -19.33 -16.46 25.46
CA ALA B 426 -18.33 -15.97 24.48
C ALA B 426 -16.96 -15.66 25.09
N THR B 427 -16.93 -14.96 26.25
CA THR B 427 -15.67 -14.64 26.93
CA THR B 427 -15.69 -14.64 26.96
C THR B 427 -14.96 -15.89 27.49
N ARG B 428 -15.73 -16.89 27.93
CA ARG B 428 -15.16 -18.20 28.28
C ARG B 428 -14.30 -18.81 27.14
N LEU B 429 -14.86 -18.86 25.90
CA LEU B 429 -14.13 -19.29 24.69
C LEU B 429 -12.86 -18.43 24.41
N ALA B 430 -12.99 -17.10 24.46
CA ALA B 430 -11.82 -16.21 24.27
C ALA B 430 -10.66 -16.47 25.29
N ARG B 431 -10.98 -16.68 26.57
CA ARG B 431 -9.95 -16.97 27.58
C ARG B 431 -9.31 -18.35 27.42
N ALA B 432 -10.06 -19.32 26.92
CA ALA B 432 -9.56 -20.69 26.71
C ALA B 432 -8.61 -20.84 25.51
N PHE B 433 -8.67 -19.89 24.56
CA PHE B 433 -7.83 -19.87 23.36
C PHE B 433 -7.07 -18.54 23.23
N PRO B 434 -6.00 -18.37 24.02
CA PRO B 434 -5.27 -17.10 24.02
C PRO B 434 -4.73 -16.69 22.63
N LEU B 435 -4.75 -15.38 22.35
CA LEU B 435 -4.22 -14.78 21.09
C LEU B 435 -2.89 -14.01 21.32
N TYR B 436 -1.88 -14.31 20.50
CA TYR B 436 -0.58 -13.64 20.61
C TYR B 436 0.05 -13.74 22.03
N ASP B 437 -0.04 -14.92 22.65
CA ASP B 437 0.42 -15.10 24.04
C ASP B 437 1.95 -15.02 24.05
N GLY B 438 2.47 -14.04 24.78
CA GLY B 438 3.92 -13.78 24.86
C GLY B 438 4.48 -12.68 23.94
N LEU B 439 3.59 -12.00 23.18
CA LEU B 439 4.01 -10.94 22.24
C LEU B 439 4.88 -9.83 22.87
N GLU B 440 4.53 -9.45 24.10
CA GLU B 440 5.26 -8.41 24.85
C GLU B 440 6.76 -8.73 25.15
N GLU B 441 7.16 -9.98 24.93
CA GLU B 441 8.55 -10.42 25.11
C GLU B 441 9.30 -10.75 23.80
N TRP B 442 8.60 -10.80 22.65
CA TRP B 442 9.24 -11.08 21.36
C TRP B 442 10.11 -9.93 20.82
N SER B 443 11.18 -10.31 20.12
CA SER B 443 12.18 -9.38 19.56
C SER B 443 11.88 -9.01 18.08
N LEU B 444 12.36 -7.85 17.61
CA LEU B 444 12.28 -7.51 16.16
C LEU B 444 12.98 -8.56 15.25
N VAL B 445 14.23 -8.92 15.58
CA VAL B 445 14.97 -9.95 14.84
C VAL B 445 15.57 -11.03 15.78
N GLY B 446 15.85 -12.21 15.23
CA GLY B 446 16.21 -13.35 16.08
C GLY B 446 15.09 -13.96 16.92
N ARG B 447 15.48 -14.75 17.93
CA ARG B 447 14.56 -15.61 18.69
C ARG B 447 14.39 -15.14 20.14
MG MG C . -7.07 -3.20 -26.62
#